data_7XVU
#
_entry.id   7XVU
#
_cell.length_a   126.417
_cell.length_b   126.417
_cell.length_c   110.478
_cell.angle_alpha   90.000
_cell.angle_beta   90.000
_cell.angle_gamma   90.000
#
_symmetry.space_group_name_H-M   'I 4'
#
loop_
_entity.id
_entity.type
_entity.pdbx_description
1 polymer Neuraminidase
2 non-polymer '(3R,4R,5S)-4-(acetylamino)-5-amino-3-(pentan-3-yloxy)cyclohex-1-ene-1-carboxylic acid'
3 non-polymer 2-acetamido-2-deoxy-beta-D-glucopyranose
4 non-polymer 'CALCIUM ION'
5 water water
#
_entity_poly.entity_id   1
_entity_poly.type   'polypeptide(L)'
_entity_poly.pdbx_seq_one_letter_code
;GSLVPRGSPSRSEFTEWRFPKSTCPGRSLQKMLQLNPHRHATAGSQAATIPNREPFISCSQDECRLFTLDHDVSTPGAYD
GITWEDRSKRRRLVSFPLGSELTLDNMKVHLSGWSGTACHDGKEWTYATVNGPDNSAVMRLKYGDQIRGSFPSYANNILR
TQESECVCIDGKCYIIVIDGPAGGTATPKVLVTREGEVTSEIIVTGRNKMGEECSCLATNRTWIECLCRDNAFSAKRPII
RIDTVAGTARGYLMCSDTYLDTPRPADGSITGSCETDGTSGGGGVKGAFALSRTTEATTERFYVRTVSSSARSGAVFYKT
TDDPTESNNPLTLIGTAVGGAIPMWYSFSFEIPGKVCDQTCIGLEMGLTMGHQLWTSNSVAVYCVIGDNLDWDSTTDVVP
ADIV
;
_entity_poly.pdbx_strand_id   A,B
#
# COMPACT_ATOMS: atom_id res chain seq x y z
N GLU A 16 5.88 41.98 7.71
CA GLU A 16 7.12 41.30 7.31
C GLU A 16 6.86 40.06 6.46
N TRP A 17 7.08 38.91 7.08
CA TRP A 17 7.01 37.64 6.37
C TRP A 17 5.59 37.27 6.00
N ARG A 18 5.46 36.59 4.87
CA ARG A 18 4.19 35.99 4.48
CA ARG A 18 4.17 36.02 4.51
C ARG A 18 3.84 34.87 5.45
N PHE A 19 2.56 34.77 5.79
CA PHE A 19 2.03 33.67 6.61
C PHE A 19 0.56 33.46 6.23
N PRO A 20 0.01 32.28 6.49
CA PRO A 20 -1.37 32.00 6.05
C PRO A 20 -2.39 32.70 6.94
N LYS A 21 -3.35 33.39 6.30
CA LYS A 21 -4.51 33.98 6.94
C LYS A 21 -5.74 33.14 6.65
N SER A 22 -6.79 33.39 7.41
CA SER A 22 -8.09 32.82 7.09
C SER A 22 -8.49 33.24 5.67
N THR A 23 -9.20 32.36 4.97
CA THR A 23 -9.49 32.61 3.57
C THR A 23 -10.75 33.46 3.37
N CYS A 24 -10.80 34.10 2.20
CA CYS A 24 -11.96 34.92 1.87
CA CYS A 24 -11.95 34.90 1.79
C CYS A 24 -13.19 34.01 1.74
N PRO A 25 -14.36 34.52 2.11
CA PRO A 25 -15.57 33.68 2.09
C PRO A 25 -15.84 33.14 0.69
N GLY A 26 -16.17 31.86 0.63
CA GLY A 26 -16.50 31.24 -0.63
C GLY A 26 -16.88 29.79 -0.45
N ARG A 27 -17.78 29.28 -1.28
CA ARG A 27 -18.28 27.93 -1.12
C ARG A 27 -18.28 27.15 -2.43
N SER A 28 -17.58 27.63 -3.45
CA SER A 28 -17.58 26.97 -4.74
C SER A 28 -16.35 27.44 -5.49
N LEU A 29 -16.28 27.11 -6.77
CA LEU A 29 -15.21 27.59 -7.65
C LEU A 29 -15.84 28.34 -8.80
N GLN A 30 -15.33 29.55 -9.08
CA GLN A 30 -15.83 30.36 -10.18
C GLN A 30 -14.66 30.91 -10.98
N LYS A 31 -14.90 31.17 -12.25
CA LYS A 31 -13.81 31.52 -13.15
C LYS A 31 -13.25 32.91 -12.87
N MET A 32 -11.92 33.02 -12.86
CA MET A 32 -11.26 34.34 -12.86
C MET A 32 -10.98 34.78 -14.28
N LEU A 33 -10.04 34.12 -14.95
CA LEU A 33 -9.59 34.58 -16.27
C LEU A 33 -8.99 33.40 -17.01
N GLN A 34 -8.59 33.64 -18.26
CA GLN A 34 -7.95 32.64 -19.08
C GLN A 34 -6.92 33.32 -19.96
N LEU A 35 -5.77 32.67 -20.12
CA LEU A 35 -4.70 33.09 -21.01
C LEU A 35 -4.61 32.07 -22.13
N ASN A 36 -4.50 32.55 -23.36
CA ASN A 36 -4.65 31.68 -24.52
C ASN A 36 -3.75 32.24 -25.63
N PRO A 37 -2.44 32.23 -25.41
CA PRO A 37 -1.53 32.92 -26.34
C PRO A 37 -1.61 32.42 -27.77
N HIS A 38 -1.88 31.13 -27.98
CA HIS A 38 -1.77 30.63 -29.34
C HIS A 38 -3.01 30.88 -30.18
N ARG A 39 -4.06 31.48 -29.58
CA ARG A 39 -5.07 32.12 -30.41
C ARG A 39 -4.45 33.13 -31.36
N HIS A 40 -3.26 33.65 -31.02
CA HIS A 40 -2.56 34.68 -31.78
C HIS A 40 -1.47 34.11 -32.67
N ALA A 41 -1.47 32.79 -32.90
CA ALA A 41 -0.42 32.13 -33.66
C ALA A 41 -0.98 31.48 -34.92
N THR A 42 -2.01 32.08 -35.49
CA THR A 42 -2.65 31.61 -36.70
C THR A 42 -2.13 32.38 -37.91
N ALA A 43 -2.57 31.96 -39.09
CA ALA A 43 -2.17 32.62 -40.32
C ALA A 43 -2.51 34.10 -40.28
N GLY A 44 -1.53 34.92 -40.69
CA GLY A 44 -1.69 36.36 -40.73
C GLY A 44 -1.39 37.08 -39.43
N SER A 45 -1.28 36.36 -38.31
CA SER A 45 -1.07 37.01 -37.03
C SER A 45 0.36 37.56 -36.94
N GLN A 46 0.56 38.48 -36.00
CA GLN A 46 1.79 39.26 -35.89
C GLN A 46 2.48 39.07 -34.55
N ALA A 47 2.22 37.96 -33.87
CA ALA A 47 2.66 37.76 -32.50
C ALA A 47 3.69 36.65 -32.40
N ALA A 48 4.68 36.87 -31.55
CA ALA A 48 5.65 35.84 -31.17
C ALA A 48 5.17 35.24 -29.85
N THR A 49 4.40 34.15 -29.95
CA THR A 49 3.81 33.51 -28.77
C THR A 49 4.78 32.48 -28.19
N ILE A 50 4.64 32.21 -26.89
CA ILE A 50 5.62 31.36 -26.20
C ILE A 50 5.02 29.99 -25.91
N PRO A 51 5.34 28.95 -26.67
CA PRO A 51 4.84 27.61 -26.34
C PRO A 51 5.51 27.12 -25.08
N ASN A 52 4.74 26.41 -24.26
CA ASN A 52 5.20 26.10 -22.92
C ASN A 52 4.39 24.95 -22.36
N ARG A 53 4.91 24.35 -21.29
CA ARG A 53 4.19 23.32 -20.55
C ARG A 53 4.57 23.43 -19.09
N GLU A 54 3.81 22.72 -18.26
CA GLU A 54 3.91 22.78 -16.80
C GLU A 54 3.76 24.20 -16.26
N PRO A 55 2.69 24.91 -16.61
CA PRO A 55 2.47 26.26 -16.07
C PRO A 55 1.93 26.21 -14.65
N PHE A 56 2.15 27.32 -13.95
CA PHE A 56 1.55 27.51 -12.63
C PHE A 56 1.54 29.00 -12.32
N ILE A 57 0.93 29.36 -11.20
CA ILE A 57 0.84 30.74 -10.78
C ILE A 57 1.33 30.85 -9.35
N SER A 58 2.04 31.94 -9.04
CA SER A 58 2.43 32.23 -7.67
C SER A 58 2.36 33.74 -7.50
N CYS A 59 2.08 34.18 -6.27
CA CYS A 59 1.76 35.57 -6.03
C CYS A 59 2.58 36.11 -4.87
N SER A 60 2.95 37.37 -4.99
CA SER A 60 3.39 38.17 -3.86
C SER A 60 2.23 39.07 -3.43
N GLN A 61 2.45 39.87 -2.39
CA GLN A 61 1.43 40.82 -2.00
C GLN A 61 1.25 41.92 -3.04
N ASP A 62 2.23 42.10 -3.94
CA ASP A 62 2.21 43.14 -4.96
C ASP A 62 1.67 42.68 -6.31
N GLU A 63 1.85 41.41 -6.67
CA GLU A 63 1.38 40.96 -7.97
C GLU A 63 1.35 39.44 -8.00
N CYS A 64 0.57 38.91 -8.93
CA CYS A 64 0.61 37.51 -9.29
C CYS A 64 1.36 37.34 -10.61
N ARG A 65 1.98 36.18 -10.78
CA ARG A 65 2.72 35.87 -11.98
C ARG A 65 2.41 34.46 -12.47
N LEU A 66 2.33 34.33 -13.78
CA LEU A 66 2.22 33.04 -14.44
C LEU A 66 3.62 32.55 -14.77
N PHE A 67 4.03 31.45 -14.12
CA PHE A 67 5.30 30.79 -14.36
C PHE A 67 5.08 29.61 -15.29
N THR A 68 6.09 29.29 -16.07
CA THR A 68 6.00 28.10 -16.90
C THR A 68 7.40 27.71 -17.37
N LEU A 69 7.48 26.52 -17.97
CA LEU A 69 8.75 26.03 -18.52
C LEU A 69 8.70 26.16 -20.03
N ASP A 70 9.57 27.00 -20.58
CA ASP A 70 9.56 27.28 -22.00
C ASP A 70 10.53 26.36 -22.71
N HIS A 71 10.77 26.64 -24.01
CA HIS A 71 11.68 25.86 -24.83
C HIS A 71 12.59 26.75 -25.66
N ASP A 72 12.84 27.98 -25.21
CA ASP A 72 13.80 28.87 -25.87
C ASP A 72 13.38 29.11 -27.32
N VAL A 73 12.10 29.37 -27.53
CA VAL A 73 11.55 29.46 -28.89
C VAL A 73 10.18 30.09 -28.83
N SER A 74 9.78 30.76 -29.91
CA SER A 74 8.42 31.27 -30.03
C SER A 74 7.71 30.61 -31.20
N THR A 75 6.38 30.68 -31.16
CA THR A 75 5.52 30.16 -32.19
C THR A 75 4.72 31.32 -32.79
N PRO A 76 4.70 31.48 -34.12
CA PRO A 76 5.34 30.62 -35.15
C PRO A 76 6.85 30.75 -35.17
N GLY A 77 7.53 29.72 -35.66
CA GLY A 77 8.97 29.72 -35.78
C GLY A 77 9.51 28.34 -36.12
N ALA A 78 10.69 28.30 -36.74
CA ALA A 78 11.17 27.03 -37.29
C ALA A 78 11.57 26.03 -36.21
N TYR A 79 11.99 26.50 -35.03
CA TYR A 79 12.52 25.62 -34.00
C TYR A 79 11.47 25.17 -32.99
N ASP A 80 10.18 25.46 -33.22
CA ASP A 80 9.21 25.18 -32.16
C ASP A 80 8.72 23.74 -32.16
N GLY A 81 9.32 22.86 -32.96
CA GLY A 81 8.93 21.46 -32.94
C GLY A 81 9.47 20.67 -31.77
N ILE A 82 10.34 21.27 -30.95
CA ILE A 82 10.88 20.57 -29.78
C ILE A 82 10.00 20.70 -28.56
N THR A 83 8.85 21.37 -28.66
CA THR A 83 8.07 21.76 -27.49
C THR A 83 7.34 20.57 -26.82
N TRP A 84 7.42 19.36 -27.37
CA TRP A 84 6.92 18.19 -26.67
C TRP A 84 7.90 17.66 -25.61
N GLU A 85 9.16 18.10 -25.65
CA GLU A 85 10.21 17.47 -24.85
C GLU A 85 10.02 17.76 -23.36
N ASP A 86 10.34 16.77 -22.53
CA ASP A 86 10.32 16.98 -21.10
C ASP A 86 11.55 17.75 -20.63
N ARG A 87 12.73 17.33 -21.07
CA ARG A 87 13.97 17.81 -20.50
C ARG A 87 14.96 18.07 -21.61
N SER A 88 15.64 19.21 -21.54
CA SER A 88 16.65 19.55 -22.54
C SER A 88 17.44 20.70 -21.97
N LYS A 89 18.49 21.08 -22.70
CA LYS A 89 19.29 22.25 -22.37
C LYS A 89 18.64 23.55 -22.82
N ARG A 90 17.45 23.48 -23.44
CA ARG A 90 16.75 24.66 -23.91
C ARG A 90 15.77 25.23 -22.88
N ARG A 91 15.17 24.38 -22.04
CA ARG A 91 14.05 24.81 -21.23
C ARG A 91 14.51 25.73 -20.10
N ARG A 92 13.62 26.66 -19.73
CA ARG A 92 13.88 27.60 -18.66
C ARG A 92 12.59 27.84 -17.90
N LEU A 93 12.72 28.13 -16.60
CA LEU A 93 11.60 28.69 -15.85
C LEU A 93 11.49 30.17 -16.17
N VAL A 94 10.34 30.54 -16.74
CA VAL A 94 10.06 31.92 -17.16
C VAL A 94 8.75 32.33 -16.53
N SER A 95 8.45 33.64 -16.57
CA SER A 95 7.18 34.08 -16.02
C SER A 95 6.71 35.35 -16.71
N PHE A 96 5.43 35.66 -16.48
CA PHE A 96 4.70 36.77 -17.06
C PHE A 96 3.86 37.37 -15.95
N PRO A 97 3.73 38.69 -15.87
CA PRO A 97 2.73 39.25 -14.95
C PRO A 97 1.37 38.62 -15.25
N LEU A 98 0.64 38.25 -14.20
CA LEU A 98 -0.62 37.55 -14.44
C LEU A 98 -1.59 38.47 -15.15
N GLY A 99 -2.07 38.04 -16.33
CA GLY A 99 -2.91 38.86 -17.17
C GLY A 99 -2.22 39.38 -18.41
N SER A 100 -0.90 39.38 -18.43
CA SER A 100 -0.18 39.65 -19.67
C SER A 100 -0.22 38.41 -20.54
N GLU A 101 -0.43 38.60 -21.84
CA GLU A 101 -0.44 37.39 -22.65
C GLU A 101 0.99 36.89 -22.87
N LEU A 102 1.10 35.61 -23.23
CA LEU A 102 2.38 34.91 -23.19
C LEU A 102 3.11 35.12 -24.51
N THR A 103 3.72 36.31 -24.63
CA THR A 103 4.45 36.70 -25.81
C THR A 103 5.92 36.93 -25.47
N LEU A 104 6.76 36.98 -26.51
CA LEU A 104 8.19 37.06 -26.31
C LEU A 104 8.59 38.29 -25.51
N ASP A 105 8.02 39.46 -25.82
CA ASP A 105 8.43 40.67 -25.10
C ASP A 105 7.93 40.72 -23.66
N ASN A 106 6.84 40.01 -23.34
CA ASN A 106 6.32 40.00 -21.98
C ASN A 106 7.05 39.01 -21.08
N MET A 107 7.86 38.12 -21.64
CA MET A 107 8.48 37.03 -20.90
C MET A 107 9.67 37.52 -20.06
N LYS A 108 9.81 36.95 -18.87
CA LYS A 108 10.98 37.16 -18.02
C LYS A 108 11.60 35.81 -17.68
N VAL A 109 12.87 35.63 -18.02
CA VAL A 109 13.60 34.38 -17.77
C VAL A 109 14.21 34.45 -16.37
N HIS A 110 14.00 33.39 -15.58
CA HIS A 110 14.53 33.31 -14.23
C HIS A 110 15.71 32.35 -14.09
N LEU A 111 15.54 31.09 -14.52
CA LEU A 111 16.55 30.06 -14.37
C LEU A 111 16.42 29.07 -15.52
N SER A 112 17.56 28.64 -16.06
CA SER A 112 17.53 27.48 -16.95
C SER A 112 17.15 26.23 -16.16
N GLY A 113 16.48 25.30 -16.82
CA GLY A 113 16.14 24.04 -16.19
C GLY A 113 14.82 23.52 -16.69
N TRP A 114 14.48 22.29 -16.26
CA TRP A 114 13.40 21.54 -16.88
C TRP A 114 12.40 20.97 -15.88
N SER A 115 12.45 21.43 -14.63
CA SER A 115 11.41 21.17 -13.63
C SER A 115 11.48 22.36 -12.68
N GLY A 116 10.33 22.91 -12.28
CA GLY A 116 10.31 24.23 -11.68
C GLY A 116 9.36 24.38 -10.51
N THR A 117 9.65 25.40 -9.69
CA THR A 117 8.78 25.88 -8.63
C THR A 117 9.21 27.30 -8.31
N ALA A 118 8.34 28.04 -7.61
CA ALA A 118 8.64 29.40 -7.16
C ALA A 118 7.66 29.79 -6.06
N CYS A 119 8.08 30.70 -5.19
CA CYS A 119 7.21 31.16 -4.11
C CYS A 119 7.83 32.39 -3.46
N HIS A 120 6.96 33.31 -3.02
CA HIS A 120 7.37 34.58 -2.45
C HIS A 120 7.20 34.51 -0.93
N ASP A 121 8.22 34.94 -0.18
CA ASP A 121 8.20 34.79 1.27
C ASP A 121 7.74 36.05 1.99
N GLY A 122 7.27 37.06 1.26
CA GLY A 122 6.93 38.35 1.81
C GLY A 122 7.97 39.41 1.53
N LYS A 123 9.21 39.01 1.28
CA LYS A 123 10.28 39.94 0.95
C LYS A 123 10.81 39.75 -0.46
N GLU A 124 11.10 38.51 -0.87
CA GLU A 124 11.67 38.24 -2.19
C GLU A 124 11.11 36.94 -2.74
N TRP A 125 11.24 36.81 -4.05
CA TRP A 125 10.96 35.56 -4.73
C TRP A 125 12.06 34.54 -4.49
N THR A 126 11.65 33.31 -4.21
CA THR A 126 12.52 32.16 -4.38
C THR A 126 12.09 31.47 -5.67
N TYR A 127 13.03 31.28 -6.60
CA TYR A 127 12.79 30.50 -7.80
C TYR A 127 13.68 29.27 -7.75
N ALA A 128 13.16 28.12 -8.18
CA ALA A 128 13.99 26.92 -8.18
C ALA A 128 13.72 26.09 -9.43
N THR A 129 14.79 25.62 -10.06
CA THR A 129 14.69 24.66 -11.14
C THR A 129 15.70 23.55 -10.94
N VAL A 130 15.45 22.43 -11.59
CA VAL A 130 16.43 21.36 -11.72
C VAL A 130 17.04 21.45 -13.10
N ASN A 131 18.36 21.41 -13.14
CA ASN A 131 19.15 21.51 -14.36
C ASN A 131 20.16 20.37 -14.34
N GLY A 132 20.51 19.88 -15.52
CA GLY A 132 21.58 18.91 -15.62
C GLY A 132 21.13 17.64 -16.30
N PRO A 133 22.04 16.68 -16.41
CA PRO A 133 21.68 15.39 -17.02
C PRO A 133 20.82 14.56 -16.09
N ASP A 134 20.11 13.60 -16.68
CA ASP A 134 19.16 12.80 -15.91
C ASP A 134 19.82 12.13 -14.71
N ASN A 135 21.08 11.70 -14.86
CA ASN A 135 21.69 10.92 -13.79
C ASN A 135 22.44 11.77 -12.77
N SER A 136 22.53 13.09 -12.96
CA SER A 136 23.23 13.92 -11.97
C SER A 136 22.72 15.36 -12.04
N ALA A 137 21.41 15.54 -11.95
CA ALA A 137 20.86 16.87 -12.04
C ALA A 137 21.03 17.62 -10.72
N VAL A 138 20.89 18.94 -10.78
CA VAL A 138 21.10 19.81 -9.62
C VAL A 138 19.97 20.82 -9.55
N MET A 139 19.31 20.93 -8.40
CA MET A 139 18.39 22.03 -8.18
C MET A 139 19.18 23.25 -7.73
N ARG A 140 18.98 24.38 -8.41
CA ARG A 140 19.50 25.66 -7.96
C ARG A 140 18.34 26.54 -7.55
N LEU A 141 18.52 27.29 -6.47
CA LEU A 141 17.47 28.14 -5.92
C LEU A 141 17.96 29.56 -5.96
N LYS A 142 17.20 30.42 -6.63
CA LYS A 142 17.54 31.82 -6.80
C LYS A 142 16.65 32.63 -5.88
N TYR A 143 17.25 33.50 -5.08
CA TYR A 143 16.53 34.33 -4.11
C TYR A 143 16.74 35.77 -4.54
N GLY A 144 15.69 36.41 -5.02
CA GLY A 144 15.88 37.70 -5.68
C GLY A 144 16.69 37.48 -6.95
N ASP A 145 17.87 38.10 -7.03
CA ASP A 145 18.71 37.97 -8.21
C ASP A 145 19.88 37.01 -8.04
N GLN A 146 20.09 36.45 -6.87
CA GLN A 146 21.28 35.65 -6.60
C GLN A 146 20.91 34.17 -6.51
N ILE A 147 21.84 33.30 -6.94
CA ILE A 147 21.64 31.87 -6.69
C ILE A 147 22.15 31.59 -5.28
N ARG A 148 21.22 31.33 -4.36
CA ARG A 148 21.61 31.17 -2.96
C ARG A 148 21.65 29.71 -2.52
N GLY A 149 21.02 28.82 -3.26
CA GLY A 149 20.89 27.43 -2.86
C GLY A 149 21.22 26.49 -3.99
N SER A 150 21.71 25.31 -3.61
CA SER A 150 22.02 24.26 -4.56
C SER A 150 21.81 22.92 -3.88
N PHE A 151 21.10 22.03 -4.57
CA PHE A 151 20.74 20.73 -4.01
C PHE A 151 20.94 19.66 -5.06
N PRO A 152 21.90 18.76 -4.88
CA PRO A 152 22.19 17.78 -5.91
C PRO A 152 21.28 16.56 -5.81
N SER A 153 21.15 15.88 -6.95
CA SER A 153 20.43 14.62 -7.02
C SER A 153 20.92 13.64 -5.96
N TYR A 154 19.98 12.97 -5.29
CA TYR A 154 20.32 11.97 -4.29
C TYR A 154 20.03 10.56 -4.73
N ALA A 155 19.25 10.36 -5.78
CA ALA A 155 18.99 9.03 -6.29
C ALA A 155 19.46 8.91 -7.72
N ASN A 156 20.00 9.99 -8.29
CA ASN A 156 20.64 9.96 -9.60
C ASN A 156 19.69 9.45 -10.68
N ASN A 157 18.41 9.84 -10.54
CA ASN A 157 17.41 9.39 -11.52
C ASN A 157 16.36 10.50 -11.61
N ILE A 158 16.71 11.56 -12.34
CA ILE A 158 15.84 12.69 -12.65
C ILE A 158 15.30 13.36 -11.40
N LEU A 159 16.18 13.99 -10.63
CA LEU A 159 15.73 14.93 -9.60
C LEU A 159 14.71 15.89 -10.20
N ARG A 160 13.63 16.14 -9.49
CA ARG A 160 12.52 16.87 -10.07
C ARG A 160 11.64 17.44 -8.98
N THR A 161 10.83 18.43 -9.33
CA THR A 161 10.07 19.15 -8.30
C THR A 161 8.63 19.37 -8.77
N GLN A 162 7.95 20.34 -8.16
CA GLN A 162 6.48 20.34 -8.08
C GLN A 162 5.76 20.71 -9.38
N GLU A 163 6.34 21.60 -10.20
CA GLU A 163 5.64 22.24 -11.31
C GLU A 163 4.44 23.05 -10.82
N SER A 164 4.49 23.50 -9.57
CA SER A 164 3.57 24.50 -9.05
C SER A 164 4.27 25.20 -7.89
N GLU A 165 3.62 26.20 -7.31
CA GLU A 165 4.29 27.05 -6.35
C GLU A 165 4.65 26.30 -5.06
N CYS A 166 5.76 26.69 -4.46
CA CYS A 166 6.09 26.27 -3.12
C CYS A 166 5.34 27.15 -2.13
N VAL A 167 5.54 26.90 -0.84
CA VAL A 167 4.79 27.56 0.21
C VAL A 167 5.78 28.17 1.19
N CYS A 168 5.63 29.46 1.49
CA CYS A 168 6.49 30.14 2.46
C CYS A 168 5.69 30.56 3.67
N ILE A 169 6.22 30.26 4.86
CA ILE A 169 5.61 30.63 6.14
C ILE A 169 6.70 31.16 7.06
N ASP A 170 6.56 32.40 7.52
CA ASP A 170 7.42 32.97 8.54
C ASP A 170 8.89 32.98 8.11
N GLY A 171 9.13 33.24 6.83
CA GLY A 171 10.49 33.41 6.34
C GLY A 171 11.16 32.16 5.84
N LYS A 172 10.53 31.00 5.96
CA LYS A 172 11.06 29.74 5.45
C LYS A 172 10.13 29.24 4.36
N CYS A 173 10.71 28.68 3.30
CA CYS A 173 9.88 28.11 2.24
C CYS A 173 10.06 26.61 2.18
N TYR A 174 9.02 25.92 1.72
CA TYR A 174 8.93 24.47 1.74
C TYR A 174 8.70 24.00 0.32
N ILE A 175 9.59 23.15 -0.17
CA ILE A 175 9.62 22.68 -1.55
C ILE A 175 9.64 21.16 -1.53
N ILE A 176 8.79 20.52 -2.34
CA ILE A 176 8.80 19.06 -2.47
C ILE A 176 9.64 18.70 -3.68
N VAL A 177 10.60 17.78 -3.49
CA VAL A 177 11.40 17.23 -4.56
C VAL A 177 11.30 15.72 -4.48
N ILE A 178 11.61 15.06 -5.60
CA ILE A 178 11.62 13.61 -5.67
C ILE A 178 12.72 13.21 -6.65
N ASP A 179 13.19 11.98 -6.52
CA ASP A 179 14.32 11.50 -7.29
C ASP A 179 14.21 9.99 -7.26
N GLY A 180 14.38 9.34 -8.41
CA GLY A 180 14.16 7.91 -8.48
C GLY A 180 13.25 7.52 -9.63
N PRO A 181 13.00 6.22 -9.78
CA PRO A 181 12.24 5.73 -10.94
C PRO A 181 10.80 6.23 -10.95
N ALA A 182 10.37 6.75 -12.10
CA ALA A 182 9.00 7.21 -12.24
C ALA A 182 7.99 6.07 -12.26
N GLY A 183 8.44 4.84 -12.45
CA GLY A 183 7.58 3.68 -12.47
C GLY A 183 7.75 2.79 -11.26
N GLY A 184 8.37 3.30 -10.20
CA GLY A 184 8.58 2.51 -9.01
C GLY A 184 8.64 3.34 -7.75
N THR A 185 9.25 2.81 -6.70
CA THR A 185 9.38 3.55 -5.45
C THR A 185 10.35 4.71 -5.61
N ALA A 186 9.90 5.90 -5.25
CA ALA A 186 10.72 7.11 -5.31
C ALA A 186 10.32 7.95 -4.11
N THR A 187 11.29 8.28 -3.26
CA THR A 187 10.94 8.88 -1.98
C THR A 187 11.04 10.38 -2.10
N PRO A 188 9.96 11.11 -1.84
CA PRO A 188 10.04 12.58 -1.87
C PRO A 188 10.68 13.09 -0.58
N LYS A 189 11.21 14.30 -0.68
CA LYS A 189 11.79 15.03 0.44
C LYS A 189 11.21 16.43 0.46
N VAL A 190 11.12 17.00 1.65
CA VAL A 190 10.74 18.40 1.81
C VAL A 190 12.02 19.19 2.05
N LEU A 191 12.31 20.14 1.16
CA LEU A 191 13.42 21.06 1.38
C LEU A 191 12.90 22.29 2.10
N VAL A 192 13.61 22.71 3.15
CA VAL A 192 13.30 23.92 3.89
C VAL A 192 14.34 24.96 3.53
N THR A 193 13.90 26.10 3.01
CA THR A 193 14.81 27.13 2.53
C THR A 193 14.65 28.42 3.30
N ARG A 194 15.75 29.19 3.38
CA ARG A 194 15.75 30.49 4.02
C ARG A 194 16.61 31.37 3.15
N GLU A 195 15.98 32.37 2.51
CA GLU A 195 16.65 33.20 1.51
C GLU A 195 17.28 32.33 0.41
N GLY A 196 16.55 31.31 0.00
CA GLY A 196 17.00 30.42 -1.07
C GLY A 196 18.00 29.37 -0.66
N GLU A 197 18.62 29.47 0.52
CA GLU A 197 19.55 28.44 0.97
C GLU A 197 18.79 27.26 1.56
N VAL A 198 19.17 26.05 1.16
CA VAL A 198 18.54 24.86 1.73
C VAL A 198 19.11 24.67 3.13
N THR A 199 18.31 24.94 4.15
CA THR A 199 18.81 24.86 5.51
C THR A 199 18.48 23.54 6.21
N SER A 200 17.52 22.76 5.70
CA SER A 200 17.30 21.42 6.23
C SER A 200 16.45 20.64 5.24
N GLU A 201 16.46 19.32 5.43
CA GLU A 201 15.59 18.43 4.68
C GLU A 201 14.69 17.73 5.68
N ILE A 202 13.40 17.66 5.37
CA ILE A 202 12.45 16.94 6.21
C ILE A 202 12.14 15.61 5.55
N ILE A 203 12.30 14.53 6.31
CA ILE A 203 11.98 13.20 5.83
C ILE A 203 10.47 13.02 5.85
N VAL A 204 9.93 12.51 4.74
CA VAL A 204 8.51 12.20 4.65
C VAL A 204 8.32 10.79 5.19
N THR A 205 7.60 10.65 6.31
CA THR A 205 7.33 9.35 6.89
C THR A 205 6.00 8.82 6.38
N GLY A 206 5.59 7.66 6.90
CA GLY A 206 4.27 7.13 6.57
C GLY A 206 4.22 6.55 5.17
N ARG A 207 3.16 6.89 4.44
CA ARG A 207 2.98 6.40 3.08
C ARG A 207 3.82 7.30 2.18
N ASN A 208 5.04 6.87 1.90
CA ASN A 208 6.05 7.76 1.33
C ASN A 208 6.77 7.17 0.12
N LYS A 209 6.20 6.18 -0.55
CA LYS A 209 6.91 5.53 -1.64
C LYS A 209 6.72 6.21 -2.98
N MET A 210 5.97 7.32 -3.02
CA MET A 210 5.75 8.06 -4.26
C MET A 210 5.24 9.45 -3.89
N GLY A 211 5.28 10.36 -4.86
CA GLY A 211 4.76 11.68 -4.61
C GLY A 211 5.31 12.68 -5.60
N GLU A 212 4.85 12.56 -6.84
CA GLU A 212 5.27 13.45 -7.91
C GLU A 212 4.42 14.71 -7.94
N GLU A 213 5.04 15.80 -8.39
CA GLU A 213 4.34 17.00 -8.86
C GLU A 213 3.29 17.49 -7.88
N CYS A 214 3.70 17.68 -6.62
CA CYS A 214 2.74 18.00 -5.57
C CYS A 214 2.22 19.44 -5.71
N SER A 215 0.92 19.59 -5.48
CA SER A 215 0.28 20.90 -5.35
C SER A 215 0.03 21.13 -3.87
N CYS A 216 0.61 22.19 -3.32
CA CYS A 216 0.64 22.39 -1.86
C CYS A 216 -0.05 23.67 -1.46
N LEU A 217 -0.81 23.61 -0.38
CA LEU A 217 -1.45 24.78 0.21
C LEU A 217 -1.36 24.72 1.72
N ALA A 218 -1.25 25.89 2.35
CA ALA A 218 -1.37 25.92 3.80
C ALA A 218 -2.79 25.54 4.21
N THR A 219 -2.89 24.69 5.23
CA THR A 219 -4.20 24.31 5.75
C THR A 219 -4.57 25.09 7.00
N ASN A 220 -3.61 25.79 7.62
CA ASN A 220 -3.87 26.74 8.68
C ASN A 220 -2.59 27.53 8.92
N ARG A 221 -2.46 28.12 10.11
CA ARG A 221 -1.35 29.03 10.37
C ARG A 221 0.01 28.36 10.25
N THR A 222 0.11 27.04 10.51
CA THR A 222 1.41 26.41 10.62
C THR A 222 1.58 25.10 9.85
N TRP A 223 0.55 24.61 9.17
CA TRP A 223 0.61 23.32 8.48
C TRP A 223 0.38 23.49 6.99
N ILE A 224 0.97 22.57 6.21
CA ILE A 224 0.84 22.55 4.76
C ILE A 224 0.28 21.20 4.36
N GLU A 225 -0.57 21.19 3.32
CA GLU A 225 -1.03 19.93 2.75
C GLU A 225 -0.75 19.92 1.26
N CYS A 226 -0.16 18.82 0.79
CA CYS A 226 0.24 18.65 -0.61
C CYS A 226 -0.53 17.49 -1.21
N LEU A 227 -1.09 17.71 -2.40
CA LEU A 227 -1.81 16.70 -3.18
C LEU A 227 -0.94 16.33 -4.36
N CYS A 228 -0.54 15.05 -4.46
CA CYS A 228 0.50 14.67 -5.39
C CYS A 228 0.01 13.63 -6.39
N ARG A 229 0.95 13.09 -7.17
CA ARG A 229 0.69 12.10 -8.21
C ARG A 229 1.53 10.88 -7.91
N ASP A 230 0.87 9.72 -7.73
CA ASP A 230 1.58 8.46 -7.62
C ASP A 230 1.67 7.87 -9.02
N ASN A 231 2.86 7.94 -9.61
CA ASN A 231 2.99 7.52 -11.00
C ASN A 231 3.18 6.03 -11.16
N ALA A 232 3.18 5.27 -10.08
CA ALA A 232 3.51 3.85 -10.19
C ALA A 232 2.48 2.91 -9.59
N PHE A 233 1.86 3.29 -8.47
CA PHE A 233 1.18 2.30 -7.64
C PHE A 233 -0.33 2.45 -7.51
N SER A 234 -0.88 3.65 -7.67
CA SER A 234 -2.27 3.84 -7.26
C SER A 234 -2.93 4.98 -8.03
N ALA A 235 -4.23 4.81 -8.29
CA ALA A 235 -5.07 5.88 -8.81
C ALA A 235 -5.54 6.85 -7.74
N LYS A 236 -5.37 6.49 -6.46
CA LYS A 236 -5.52 7.43 -5.37
C LYS A 236 -4.33 8.39 -5.34
N ARG A 237 -4.60 9.65 -5.02
CA ARG A 237 -3.48 10.59 -4.96
C ARG A 237 -2.83 10.59 -3.59
N PRO A 238 -1.50 10.58 -3.54
CA PRO A 238 -0.82 10.80 -2.25
C PRO A 238 -1.07 12.19 -1.72
N ILE A 239 -1.16 12.27 -0.40
CA ILE A 239 -1.26 13.54 0.33
C ILE A 239 -0.11 13.59 1.32
N ILE A 240 0.63 14.69 1.32
CA ILE A 240 1.73 14.90 2.25
C ILE A 240 1.36 16.08 3.13
N ARG A 241 1.46 15.90 4.43
CA ARG A 241 1.19 16.99 5.37
C ARG A 241 2.47 17.38 6.08
N ILE A 242 2.73 18.68 6.16
CA ILE A 242 3.95 19.22 6.76
C ILE A 242 3.56 20.04 7.99
N ASP A 243 4.17 19.72 9.12
CA ASP A 243 4.07 20.54 10.34
C ASP A 243 5.30 21.44 10.36
N THR A 244 5.14 22.72 10.02
CA THR A 244 6.32 23.58 9.90
C THR A 244 6.92 23.95 11.24
N VAL A 245 6.14 23.83 12.32
CA VAL A 245 6.69 24.13 13.64
C VAL A 245 7.53 22.97 14.15
N ALA A 246 6.99 21.75 14.10
CA ALA A 246 7.76 20.56 14.49
C ALA A 246 8.83 20.21 13.47
N GLY A 247 8.67 20.65 12.22
CA GLY A 247 9.58 20.25 11.16
C GLY A 247 9.46 18.78 10.83
N THR A 248 8.23 18.30 10.68
CA THR A 248 7.93 16.92 10.33
C THR A 248 6.99 16.89 9.13
N ALA A 249 7.03 15.78 8.39
CA ALA A 249 6.11 15.58 7.28
C ALA A 249 5.72 14.11 7.21
N ARG A 250 4.46 13.84 6.85
CA ARG A 250 3.96 12.48 6.79
C ARG A 250 3.14 12.31 5.52
N GLY A 251 3.30 11.16 4.89
CA GLY A 251 2.55 10.81 3.68
C GLY A 251 1.32 9.97 3.97
N TYR A 252 0.28 10.23 3.18
CA TYR A 252 -1.00 9.52 3.26
C TYR A 252 -1.45 9.17 1.86
N LEU A 253 -2.48 8.35 1.77
CA LEU A 253 -3.17 8.14 0.50
C LEU A 253 -4.56 8.72 0.59
N MET A 254 -4.95 9.52 -0.40
CA MET A 254 -6.32 10.04 -0.42
C MET A 254 -7.33 8.90 -0.42
N CYS A 255 -8.25 8.94 0.54
CA CYS A 255 -9.12 7.78 0.81
C CYS A 255 -10.45 7.81 0.07
N SER A 256 -10.85 8.94 -0.51
CA SER A 256 -12.19 9.05 -1.07
C SER A 256 -12.40 8.05 -2.21
N ASP A 257 -13.61 7.48 -2.27
CA ASP A 257 -13.99 6.66 -3.40
C ASP A 257 -13.86 7.40 -4.73
N THR A 258 -13.89 8.73 -4.70
CA THR A 258 -13.77 9.57 -5.90
C THR A 258 -12.29 9.74 -6.23
N TYR A 259 -11.72 8.74 -6.92
CA TYR A 259 -10.28 8.74 -7.18
C TYR A 259 -9.92 9.87 -8.14
N LEU A 260 -8.85 10.59 -7.84
CA LEU A 260 -8.60 11.83 -8.57
C LEU A 260 -7.56 11.71 -9.67
N ASP A 261 -6.80 10.62 -9.76
CA ASP A 261 -5.78 10.54 -10.79
C ASP A 261 -6.38 10.05 -12.12
N THR A 262 -5.57 10.12 -13.17
CA THR A 262 -5.91 9.65 -14.51
C THR A 262 -4.69 8.93 -15.08
N PRO A 263 -4.82 7.67 -15.49
CA PRO A 263 -6.02 6.81 -15.50
C PRO A 263 -6.45 6.32 -14.12
N ARG A 264 -7.67 5.82 -14.00
CA ARG A 264 -8.21 5.36 -12.72
C ARG A 264 -9.30 4.34 -12.98
N PRO A 265 -9.56 3.46 -12.04
CA PRO A 265 -10.70 2.53 -12.16
C PRO A 265 -11.99 3.24 -11.76
N ALA A 266 -13.09 2.49 -11.76
CA ALA A 266 -14.38 3.05 -11.39
C ALA A 266 -14.36 3.48 -9.92
N ASP A 267 -15.13 4.53 -9.60
CA ASP A 267 -15.15 5.05 -8.24
C ASP A 267 -15.55 3.97 -7.24
N GLY A 268 -14.81 3.91 -6.13
CA GLY A 268 -15.05 2.98 -5.04
C GLY A 268 -14.60 1.56 -5.30
N SER A 269 -14.09 1.24 -6.48
CA SER A 269 -13.78 -0.15 -6.82
C SER A 269 -12.46 -0.67 -6.25
N ILE A 270 -11.62 0.18 -5.64
CA ILE A 270 -10.41 -0.31 -5.01
C ILE A 270 -10.78 -0.90 -3.65
N THR A 271 -10.55 -2.21 -3.50
CA THR A 271 -10.97 -2.92 -2.30
C THR A 271 -9.88 -2.85 -1.26
N GLY A 272 -10.23 -2.41 -0.06
CA GLY A 272 -9.31 -2.42 1.04
C GLY A 272 -9.35 -1.12 1.80
N SER A 273 -8.34 -0.94 2.66
CA SER A 273 -8.21 0.22 3.51
C SER A 273 -7.85 1.46 2.69
N CYS A 274 -7.83 2.61 3.38
CA CYS A 274 -7.51 3.87 2.71
C CYS A 274 -6.19 3.80 1.98
N GLU A 275 -5.17 3.20 2.58
CA GLU A 275 -3.83 3.18 2.01
C GLU A 275 -3.57 1.97 1.11
N THR A 276 -4.60 1.20 0.79
CA THR A 276 -4.44 0.12 -0.18
C THR A 276 -4.29 0.72 -1.57
N ASP A 277 -3.25 0.28 -2.29
CA ASP A 277 -2.94 0.89 -3.59
C ASP A 277 -4.03 0.63 -4.62
N GLY A 278 -4.49 -0.61 -4.70
CA GLY A 278 -5.32 -1.00 -5.82
C GLY A 278 -4.51 -1.71 -6.88
N THR A 279 -5.22 -2.41 -7.77
CA THR A 279 -4.56 -3.28 -8.73
C THR A 279 -3.89 -2.49 -9.84
N SER A 280 -4.54 -1.43 -10.31
CA SER A 280 -3.96 -0.63 -11.40
C SER A 280 -2.99 0.37 -10.80
N GLY A 281 -2.95 1.59 -11.33
CA GLY A 281 -2.19 2.67 -10.71
C GLY A 281 -1.03 3.20 -11.53
N GLY A 282 -0.61 2.51 -12.59
CA GLY A 282 0.49 3.00 -13.41
C GLY A 282 0.11 4.27 -14.16
N GLY A 283 1.07 5.18 -14.28
CA GLY A 283 0.81 6.45 -14.93
C GLY A 283 0.13 7.43 -13.97
N GLY A 284 -0.24 8.57 -14.49
CA GLY A 284 -0.88 9.57 -13.66
C GLY A 284 -0.76 10.94 -14.32
N VAL A 285 -1.26 11.94 -13.59
CA VAL A 285 -1.22 13.34 -14.05
C VAL A 285 -1.12 14.22 -12.81
N LYS A 286 -0.45 15.36 -12.93
CA LYS A 286 -0.44 16.31 -11.82
C LYS A 286 -1.86 16.77 -11.52
N GLY A 287 -2.21 16.80 -10.23
CA GLY A 287 -3.52 17.23 -9.79
C GLY A 287 -3.44 18.43 -8.85
N ALA A 288 -4.60 18.91 -8.44
CA ALA A 288 -4.69 20.15 -7.68
C ALA A 288 -5.93 20.16 -6.78
N PHE A 289 -5.89 21.03 -5.77
CA PHE A 289 -7.03 21.28 -4.92
C PHE A 289 -7.00 22.74 -4.48
N ALA A 290 -8.13 23.18 -3.91
CA ALA A 290 -8.23 24.47 -3.25
C ALA A 290 -8.94 24.24 -1.92
N LEU A 291 -9.03 25.30 -1.10
CA LEU A 291 -9.60 25.08 0.23
C LEU A 291 -10.12 26.38 0.81
N SER A 292 -10.90 26.21 1.88
CA SER A 292 -11.30 27.26 2.80
C SER A 292 -10.70 26.93 4.15
N ARG A 293 -10.21 27.93 4.87
CA ARG A 293 -9.59 27.64 6.15
C ARG A 293 -9.73 28.83 7.08
N THR A 294 -9.67 28.57 8.38
CA THR A 294 -9.48 29.60 9.38
C THR A 294 -7.99 29.63 9.73
N THR A 295 -7.63 30.37 10.78
CA THR A 295 -6.25 30.27 11.25
C THR A 295 -5.97 28.93 11.91
N GLU A 296 -7.01 28.21 12.32
CA GLU A 296 -6.94 26.96 13.08
C GLU A 296 -7.03 25.70 12.21
N ALA A 297 -7.89 25.71 11.20
CA ALA A 297 -8.22 24.47 10.52
C ALA A 297 -8.79 24.74 9.13
N THR A 298 -8.62 23.77 8.24
CA THR A 298 -9.29 23.79 6.95
C THR A 298 -10.72 23.29 7.11
N THR A 299 -11.68 24.03 6.54
CA THR A 299 -13.09 23.74 6.71
C THR A 299 -13.76 23.15 5.49
N GLU A 300 -13.15 23.30 4.32
CA GLU A 300 -13.69 22.71 3.10
C GLU A 300 -12.54 22.57 2.10
N ARG A 301 -12.60 21.52 1.30
CA ARG A 301 -11.63 21.29 0.25
C ARG A 301 -12.36 21.15 -1.08
N PHE A 302 -11.69 21.60 -2.14
CA PHE A 302 -12.21 21.57 -3.50
C PHE A 302 -11.21 20.84 -4.37
N TYR A 303 -11.69 19.91 -5.19
CA TYR A 303 -10.80 19.05 -5.96
C TYR A 303 -11.20 19.07 -7.43
N VAL A 304 -10.25 18.71 -8.29
CA VAL A 304 -10.50 18.55 -9.71
C VAL A 304 -10.06 17.17 -10.14
N ARG A 305 -10.70 16.63 -11.17
CA ARG A 305 -10.16 15.48 -11.88
C ARG A 305 -10.68 15.54 -13.31
N THR A 306 -10.12 14.70 -14.17
CA THR A 306 -10.58 14.68 -15.56
C THR A 306 -12.00 14.13 -15.67
N VAL A 307 -12.68 14.48 -16.77
CA VAL A 307 -13.94 13.82 -17.11
C VAL A 307 -13.71 12.35 -17.42
N SER A 308 -12.72 12.06 -18.26
CA SER A 308 -12.43 10.71 -18.67
C SER A 308 -11.63 9.99 -17.58
N SER A 309 -11.95 8.71 -17.36
CA SER A 309 -11.15 7.93 -16.45
C SER A 309 -9.91 7.34 -17.09
N SER A 310 -9.75 7.47 -18.40
CA SER A 310 -8.61 6.88 -19.09
C SER A 310 -7.72 7.90 -19.80
N ALA A 311 -8.28 9.03 -20.21
CA ALA A 311 -7.55 10.01 -21.02
C ALA A 311 -7.53 11.35 -20.30
N ARG A 312 -6.54 12.19 -20.65
CA ARG A 312 -6.43 13.52 -20.06
C ARG A 312 -7.37 14.45 -20.81
N SER A 313 -8.67 14.36 -20.48
CA SER A 313 -9.67 15.20 -21.13
C SER A 313 -10.75 15.61 -20.16
N GLY A 314 -11.14 16.88 -20.23
CA GLY A 314 -12.15 17.44 -19.37
C GLY A 314 -11.64 17.70 -17.96
N ALA A 315 -12.45 18.44 -17.21
CA ALA A 315 -12.16 18.77 -15.82
C ALA A 315 -13.48 18.93 -15.09
N VAL A 316 -13.58 18.24 -13.95
CA VAL A 316 -14.77 18.23 -13.11
C VAL A 316 -14.34 18.63 -11.71
N PHE A 317 -15.11 19.53 -11.10
CA PHE A 317 -14.82 20.02 -9.75
C PHE A 317 -15.70 19.29 -8.74
N TYR A 318 -15.13 19.05 -7.57
CA TYR A 318 -15.78 18.37 -6.45
C TYR A 318 -15.41 19.10 -5.17
N LYS A 319 -16.12 18.79 -4.09
CA LYS A 319 -15.82 19.41 -2.81
C LYS A 319 -16.12 18.42 -1.68
N THR A 320 -15.50 18.65 -0.53
CA THR A 320 -15.81 17.85 0.64
C THR A 320 -15.42 18.59 1.90
N THR A 321 -16.14 18.30 2.99
CA THR A 321 -15.77 18.76 4.32
C THR A 321 -15.14 17.64 5.16
N ASP A 322 -14.97 16.46 4.59
CA ASP A 322 -14.34 15.35 5.27
C ASP A 322 -12.82 15.54 5.28
N ASP A 323 -12.15 14.83 6.19
CA ASP A 323 -10.69 14.73 6.15
C ASP A 323 -10.31 13.76 5.04
N PRO A 324 -9.58 14.22 4.02
CA PRO A 324 -9.34 13.36 2.84
C PRO A 324 -8.39 12.20 3.10
N THR A 325 -7.67 12.18 4.22
CA THR A 325 -6.79 11.04 4.52
C THR A 325 -7.50 9.92 5.26
N GLU A 326 -8.73 10.14 5.72
CA GLU A 326 -9.40 9.13 6.53
C GLU A 326 -10.76 8.69 6.02
N SER A 327 -11.46 9.49 5.24
CA SER A 327 -12.84 9.20 4.85
C SER A 327 -12.89 8.66 3.43
N ASN A 328 -13.59 7.53 3.25
CA ASN A 328 -13.80 7.01 1.91
C ASN A 328 -15.06 7.55 1.25
N ASN A 329 -15.73 8.51 1.88
CA ASN A 329 -16.94 9.07 1.31
C ASN A 329 -16.67 9.64 -0.08
N PRO A 330 -17.59 9.44 -1.02
CA PRO A 330 -17.47 10.13 -2.32
C PRO A 330 -17.47 11.63 -2.12
N LEU A 331 -16.74 12.32 -3.00
CA LEU A 331 -16.79 13.77 -3.00
C LEU A 331 -18.10 14.25 -3.60
N THR A 332 -18.44 15.50 -3.26
CA THR A 332 -19.68 16.12 -3.71
C THR A 332 -19.43 16.87 -5.02
N LEU A 333 -20.24 16.58 -6.04
CA LEU A 333 -20.07 17.18 -7.35
C LEU A 333 -20.35 18.67 -7.32
N ILE A 334 -19.44 19.46 -7.89
CA ILE A 334 -19.68 20.86 -8.18
C ILE A 334 -20.12 21.04 -9.63
N GLY A 335 -19.38 20.46 -10.57
CA GLY A 335 -19.79 20.48 -11.96
C GLY A 335 -18.60 20.46 -12.89
N THR A 336 -18.91 20.48 -14.19
CA THR A 336 -17.90 20.33 -15.24
C THR A 336 -17.30 21.69 -15.61
N ALA A 337 -15.99 21.84 -15.35
CA ALA A 337 -15.27 23.07 -15.68
C ALA A 337 -14.70 23.06 -17.09
N VAL A 338 -14.38 21.89 -17.63
CA VAL A 338 -13.92 21.76 -19.01
C VAL A 338 -14.58 20.52 -19.59
N GLY A 339 -15.28 20.68 -20.71
CA GLY A 339 -15.99 19.56 -21.31
C GLY A 339 -15.06 18.41 -21.66
N GLY A 340 -15.62 17.21 -21.63
CA GLY A 340 -14.87 15.97 -21.81
C GLY A 340 -14.25 15.82 -23.18
N ALA A 341 -14.71 16.59 -24.17
CA ALA A 341 -14.10 16.56 -25.50
C ALA A 341 -12.84 17.40 -25.60
N ILE A 342 -12.45 18.12 -24.55
CA ILE A 342 -11.38 19.10 -24.61
C ILE A 342 -10.18 18.59 -23.82
N PRO A 343 -9.00 18.51 -24.43
CA PRO A 343 -7.82 18.08 -23.67
C PRO A 343 -7.60 18.94 -22.41
N MET A 344 -7.29 18.25 -21.32
CA MET A 344 -7.00 18.90 -20.05
C MET A 344 -5.92 18.09 -19.37
N TRP A 345 -4.76 18.72 -19.15
CA TRP A 345 -3.59 17.99 -18.70
C TRP A 345 -3.34 18.29 -17.23
N TYR A 346 -2.32 19.08 -16.90
CA TYR A 346 -2.02 19.36 -15.51
C TYR A 346 -3.02 20.36 -14.92
N SER A 347 -3.20 20.27 -13.61
CA SER A 347 -3.84 21.35 -12.86
C SER A 347 -2.91 21.71 -11.70
N PHE A 348 -3.07 22.92 -11.19
CA PHE A 348 -2.17 23.38 -10.14
C PHE A 348 -2.92 24.21 -9.11
N SER A 349 -2.53 24.05 -7.85
CA SER A 349 -3.01 24.91 -6.77
C SER A 349 -2.20 26.19 -6.69
N PHE A 350 -2.86 27.29 -6.32
CA PHE A 350 -2.09 28.45 -5.89
C PHE A 350 -2.93 29.31 -4.96
N GLU A 351 -2.25 30.21 -4.25
CA GLU A 351 -2.88 31.09 -3.28
C GLU A 351 -2.58 32.55 -3.61
N ILE A 352 -3.61 33.39 -3.49
CA ILE A 352 -3.46 34.84 -3.64
C ILE A 352 -3.48 35.45 -2.25
N PRO A 353 -2.39 36.01 -1.76
CA PRO A 353 -2.41 36.63 -0.44
C PRO A 353 -3.09 37.99 -0.49
N GLY A 354 -3.77 38.33 0.61
CA GLY A 354 -4.47 39.59 0.70
C GLY A 354 -4.20 40.26 2.03
N LYS A 355 -4.54 41.56 2.08
CA LYS A 355 -4.38 42.30 3.33
C LYS A 355 -5.36 41.84 4.39
N VAL A 356 -6.57 41.42 4.02
CA VAL A 356 -7.57 41.00 4.98
C VAL A 356 -7.78 39.49 4.97
N CYS A 357 -7.72 38.86 3.80
CA CYS A 357 -7.94 37.43 3.72
C CYS A 357 -7.17 36.89 2.53
N ASP A 358 -6.90 35.59 2.56
CA ASP A 358 -6.23 34.89 1.47
C ASP A 358 -7.25 34.14 0.62
N GLN A 359 -6.87 33.81 -0.60
CA GLN A 359 -7.78 33.09 -1.49
C GLN A 359 -7.03 32.00 -2.25
N THR A 360 -7.58 30.78 -2.24
CA THR A 360 -6.94 29.72 -3.00
C THR A 360 -7.69 29.48 -4.32
N CYS A 361 -6.96 28.96 -5.30
CA CYS A 361 -7.45 28.81 -6.67
C CYS A 361 -6.89 27.55 -7.29
N ILE A 362 -7.53 27.11 -8.37
CA ILE A 362 -7.03 26.02 -9.21
C ILE A 362 -6.84 26.54 -10.62
N GLY A 363 -5.67 26.26 -11.21
CA GLY A 363 -5.40 26.55 -12.60
C GLY A 363 -5.43 25.27 -13.40
N LEU A 364 -5.83 25.38 -14.67
CA LEU A 364 -6.03 24.22 -15.53
C LEU A 364 -5.18 24.40 -16.79
N GLU A 365 -4.32 23.42 -17.06
CA GLU A 365 -3.51 23.41 -18.29
C GLU A 365 -4.33 22.75 -19.39
N MET A 366 -5.01 23.56 -20.21
CA MET A 366 -5.81 23.05 -21.31
C MET A 366 -4.87 22.80 -22.49
N GLY A 367 -4.54 21.52 -22.72
CA GLY A 367 -3.44 21.20 -23.60
C GLY A 367 -3.75 21.38 -25.06
N LEU A 368 -2.73 21.80 -25.81
CA LEU A 368 -2.83 22.01 -27.25
C LEU A 368 -1.67 21.28 -27.90
N THR A 369 -1.96 20.35 -28.81
CA THR A 369 -0.85 19.70 -29.47
C THR A 369 -1.23 19.19 -30.85
N MET A 370 -0.23 19.16 -31.73
CA MET A 370 -0.35 18.58 -33.06
C MET A 370 -0.12 17.07 -33.06
N GLY A 371 0.30 16.49 -31.95
CA GLY A 371 0.40 15.05 -31.82
C GLY A 371 1.70 14.61 -31.18
N HIS A 372 1.96 13.31 -31.28
CA HIS A 372 3.12 12.70 -30.64
C HIS A 372 4.42 13.25 -31.20
N GLN A 373 5.27 13.78 -30.31
CA GLN A 373 6.55 14.38 -30.68
C GLN A 373 6.38 15.50 -31.72
N LEU A 374 5.27 16.23 -31.61
CA LEU A 374 5.04 17.43 -32.39
C LEU A 374 4.76 18.59 -31.45
N TRP A 375 4.56 19.78 -32.03
CA TRP A 375 4.30 21.02 -31.31
C TRP A 375 3.29 20.82 -30.18
N THR A 376 3.62 21.38 -29.02
CA THR A 376 2.88 21.16 -27.79
C THR A 376 2.87 22.44 -26.97
N SER A 377 1.68 22.86 -26.52
CA SER A 377 1.60 23.96 -25.57
C SER A 377 0.22 23.89 -24.88
N ASN A 378 -0.32 25.04 -24.49
CA ASN A 378 -1.53 25.03 -23.68
C ASN A 378 -2.19 26.39 -23.68
N SER A 379 -3.40 26.42 -23.12
CA SER A 379 -4.09 27.59 -22.59
C SER A 379 -4.31 27.35 -21.10
N VAL A 380 -4.26 28.40 -20.29
CA VAL A 380 -4.43 28.28 -18.84
C VAL A 380 -5.74 28.96 -18.41
N ALA A 381 -6.61 28.21 -17.73
CA ALA A 381 -7.84 28.76 -17.16
C ALA A 381 -7.74 28.72 -15.64
N VAL A 382 -8.21 29.77 -14.99
CA VAL A 382 -8.08 29.93 -13.54
C VAL A 382 -9.47 29.99 -12.91
N TYR A 383 -9.69 29.15 -11.87
CA TYR A 383 -10.90 29.18 -11.05
C TYR A 383 -10.51 29.38 -9.60
N CYS A 384 -11.28 30.21 -8.86
CA CYS A 384 -10.94 30.48 -7.47
C CYS A 384 -12.14 30.25 -6.57
N VAL A 385 -11.85 30.11 -5.26
CA VAL A 385 -12.86 29.80 -4.25
C VAL A 385 -13.66 31.07 -3.94
N ILE A 386 -14.92 31.08 -4.35
CA ILE A 386 -15.82 32.24 -4.24
C ILE A 386 -17.19 31.75 -4.66
N GLY A 387 -18.25 32.38 -4.14
CA GLY A 387 -19.62 32.10 -4.57
C GLY A 387 -20.16 30.77 -4.08
N ASP A 388 -21.27 30.37 -4.71
CA ASP A 388 -22.00 29.20 -4.26
C ASP A 388 -22.15 28.11 -5.31
N ASN A 389 -21.91 28.42 -6.59
CA ASN A 389 -22.07 27.45 -7.67
C ASN A 389 -21.02 27.77 -8.74
N LEU A 390 -20.66 26.75 -9.52
CA LEU A 390 -19.81 26.96 -10.69
C LEU A 390 -20.49 27.87 -11.69
N ASP A 391 -19.77 28.86 -12.22
CA ASP A 391 -20.40 29.81 -13.13
C ASP A 391 -20.42 29.34 -14.58
N TRP A 392 -19.30 28.83 -15.10
CA TRP A 392 -19.23 28.43 -16.50
C TRP A 392 -18.02 27.54 -16.73
N ASP A 393 -18.11 26.71 -17.77
CA ASP A 393 -16.98 25.93 -18.23
C ASP A 393 -16.14 26.74 -19.21
N SER A 394 -14.90 26.27 -19.43
CA SER A 394 -13.95 26.94 -20.31
C SER A 394 -13.69 26.12 -21.57
N THR A 395 -13.40 26.83 -22.66
CA THR A 395 -12.97 26.23 -23.90
C THR A 395 -11.69 26.93 -24.35
N THR A 396 -11.03 26.36 -25.36
CA THR A 396 -9.91 27.09 -25.96
C THR A 396 -10.23 27.71 -27.31
N ASP A 397 -11.08 27.05 -28.12
CA ASP A 397 -11.31 27.44 -29.52
C ASP A 397 -9.99 27.63 -30.27
N VAL A 398 -8.98 26.84 -29.94
CA VAL A 398 -7.74 26.75 -30.72
C VAL A 398 -7.70 25.37 -31.34
N VAL A 399 -7.57 25.33 -32.66
CA VAL A 399 -7.35 24.08 -33.39
C VAL A 399 -5.86 24.01 -33.72
N PRO A 400 -5.12 23.06 -33.14
CA PRO A 400 -3.65 23.01 -33.39
C PRO A 400 -3.30 23.00 -34.87
N ALA A 401 -4.14 22.41 -35.71
CA ALA A 401 -3.91 22.43 -37.16
C ALA A 401 -3.83 23.84 -37.72
N ASP A 402 -4.50 24.81 -37.09
CA ASP A 402 -4.47 26.21 -37.55
C ASP A 402 -3.20 26.95 -37.13
N ILE A 403 -2.39 26.38 -36.23
CA ILE A 403 -1.19 27.07 -35.77
C ILE A 403 -0.13 27.01 -36.86
N VAL A 404 0.44 28.16 -37.22
CA VAL A 404 1.41 28.17 -38.34
C VAL A 404 2.84 28.09 -37.83
N GLU B 16 9.38 -35.65 -10.60
CA GLU B 16 9.38 -34.36 -11.29
C GLU B 16 8.84 -33.28 -10.34
N TRP B 17 7.79 -32.58 -10.76
CA TRP B 17 7.20 -31.57 -9.90
C TRP B 17 6.26 -32.19 -8.88
N ARG B 18 6.15 -31.53 -7.73
CA ARG B 18 5.13 -31.89 -6.76
CA ARG B 18 5.13 -31.88 -6.76
C ARG B 18 3.76 -31.57 -7.33
N PHE B 19 2.80 -32.47 -7.07
CA PHE B 19 1.41 -32.27 -7.46
C PHE B 19 0.54 -33.08 -6.51
N PRO B 20 -0.73 -32.71 -6.34
CA PRO B 20 -1.57 -33.38 -5.34
C PRO B 20 -2.04 -34.75 -5.83
N LYS B 21 -1.87 -35.77 -4.99
CA LYS B 21 -2.38 -37.11 -5.20
C LYS B 21 -3.60 -37.35 -4.30
N SER B 22 -4.32 -38.41 -4.62
CA SER B 22 -5.35 -38.89 -3.71
C SER B 22 -4.73 -39.19 -2.35
N THR B 23 -5.49 -38.95 -1.29
CA THR B 23 -4.94 -39.09 0.05
C THR B 23 -5.04 -40.53 0.56
N CYS B 24 -4.16 -40.85 1.50
CA CYS B 24 -4.14 -42.18 2.10
C CYS B 24 -5.44 -42.40 2.89
N PRO B 25 -5.97 -43.62 2.92
CA PRO B 25 -7.28 -43.84 3.54
C PRO B 25 -7.25 -43.45 5.02
N GLY B 26 -8.28 -42.74 5.44
CA GLY B 26 -8.40 -42.32 6.82
C GLY B 26 -9.70 -41.59 7.04
N ARG B 27 -10.27 -41.71 8.24
CA ARG B 27 -11.59 -41.18 8.54
C ARG B 27 -11.62 -40.41 9.86
N SER B 28 -10.45 -40.08 10.41
CA SER B 28 -10.37 -39.41 11.70
C SER B 28 -9.00 -38.76 11.80
N LEU B 29 -8.67 -38.28 12.98
CA LEU B 29 -7.36 -37.70 13.28
C LEU B 29 -6.76 -38.46 14.45
N GLN B 30 -5.50 -38.89 14.29
CA GLN B 30 -4.80 -39.61 15.34
C GLN B 30 -3.40 -39.02 15.51
N LYS B 31 -2.87 -39.15 16.72
CA LYS B 31 -1.64 -38.44 17.03
C LYS B 31 -0.45 -39.08 16.32
N MET B 32 0.41 -38.23 15.74
CA MET B 32 1.71 -38.70 15.24
C MET B 32 2.75 -38.56 16.33
N LEU B 33 3.10 -37.33 16.67
CA LEU B 33 4.20 -37.09 17.59
C LEU B 33 4.01 -35.72 18.22
N GLN B 34 4.89 -35.39 19.16
CA GLN B 34 4.92 -34.09 19.81
C GLN B 34 6.35 -33.68 20.09
N LEU B 35 6.64 -32.39 19.88
CA LEU B 35 7.92 -31.78 20.20
C LEU B 35 7.71 -30.83 21.37
N ASN B 36 8.60 -30.88 22.34
CA ASN B 36 8.36 -30.17 23.59
C ASN B 36 9.72 -29.72 24.12
N PRO B 37 10.41 -28.83 23.41
CA PRO B 37 11.80 -28.51 23.78
C PRO B 37 11.96 -27.99 25.19
N HIS B 38 10.98 -27.24 25.71
CA HIS B 38 11.23 -26.59 26.99
C HIS B 38 11.00 -27.50 28.19
N ARG B 39 10.60 -28.76 27.96
CA ARG B 39 10.78 -29.78 28.98
C ARG B 39 12.22 -29.86 29.44
N HIS B 40 13.16 -29.45 28.56
CA HIS B 40 14.59 -29.53 28.79
C HIS B 40 15.18 -28.20 29.25
N ALA B 41 14.34 -27.25 29.68
CA ALA B 41 14.81 -25.93 30.07
C ALA B 41 14.52 -25.65 31.53
N THR B 42 14.55 -26.69 32.37
CA THR B 42 14.33 -26.61 33.79
C THR B 42 15.65 -26.57 34.54
N ALA B 43 15.55 -26.40 35.86
CA ALA B 43 16.74 -26.38 36.70
C ALA B 43 17.54 -27.67 36.52
N GLY B 44 18.86 -27.49 36.39
CA GLY B 44 19.76 -28.60 36.21
C GLY B 44 19.94 -29.06 34.79
N SER B 45 19.06 -28.67 33.87
CA SER B 45 19.15 -29.17 32.51
C SER B 45 20.36 -28.56 31.79
N GLN B 46 20.75 -29.22 30.69
CA GLN B 46 21.99 -28.91 29.98
C GLN B 46 21.74 -28.51 28.53
N ALA B 47 20.53 -28.04 28.21
CA ALA B 47 20.11 -27.85 26.84
C ALA B 47 19.91 -26.36 26.53
N ALA B 48 20.31 -25.97 25.32
CA ALA B 48 20.02 -24.65 24.77
C ALA B 48 18.78 -24.81 23.89
N THR B 49 17.60 -24.59 24.48
CA THR B 49 16.34 -24.76 23.74
C THR B 49 15.97 -23.48 23.01
N ILE B 50 15.16 -23.60 21.95
CA ILE B 50 14.88 -22.45 21.08
C ILE B 50 13.45 -21.98 21.29
N PRO B 51 13.24 -20.89 22.03
CA PRO B 51 11.88 -20.37 22.18
C PRO B 51 11.43 -19.79 20.85
N ASN B 52 10.15 -19.97 20.54
CA ASN B 52 9.67 -19.66 19.20
C ASN B 52 8.16 -19.53 19.22
N ARG B 53 7.62 -18.94 18.17
CA ARG B 53 6.18 -18.87 17.95
C ARG B 53 5.91 -18.91 16.46
N GLU B 54 4.62 -19.08 16.13
CA GLU B 54 4.15 -19.30 14.76
C GLU B 54 4.84 -20.50 14.11
N PRO B 55 4.84 -21.68 14.75
CA PRO B 55 5.45 -22.86 14.13
C PRO B 55 4.56 -23.46 13.05
N PHE B 56 5.19 -24.18 12.14
CA PHE B 56 4.43 -24.96 11.16
C PHE B 56 5.34 -26.05 10.61
N ILE B 57 4.75 -26.92 9.79
CA ILE B 57 5.48 -28.05 9.22
C ILE B 57 5.31 -28.04 7.71
N SER B 58 6.38 -28.35 6.99
CA SER B 58 6.28 -28.51 5.55
C SER B 58 7.23 -29.62 5.14
N CYS B 59 6.88 -30.31 4.06
CA CYS B 59 7.59 -31.54 3.71
C CYS B 59 8.00 -31.55 2.25
N SER B 60 9.14 -32.16 2.00
CA SER B 60 9.51 -32.59 0.67
C SER B 60 9.26 -34.10 0.59
N GLN B 61 9.55 -34.70 -0.56
CA GLN B 61 9.46 -36.14 -0.65
C GLN B 61 10.55 -36.84 0.16
N ASP B 62 11.61 -36.11 0.53
CA ASP B 62 12.73 -36.67 1.29
C ASP B 62 12.59 -36.49 2.79
N GLU B 63 11.96 -35.40 3.24
CA GLU B 63 11.86 -35.19 4.68
C GLU B 63 10.80 -34.14 4.98
N CYS B 64 10.32 -34.19 6.21
CA CYS B 64 9.51 -33.13 6.77
C CYS B 64 10.37 -32.26 7.68
N ARG B 65 10.01 -30.98 7.79
CA ARG B 65 10.72 -30.05 8.65
C ARG B 65 9.74 -29.22 9.45
N LEU B 66 10.11 -28.95 10.69
CA LEU B 66 9.39 -28.04 11.57
C LEU B 66 10.01 -26.66 11.40
N PHE B 67 9.22 -25.72 10.85
CA PHE B 67 9.60 -24.32 10.65
C PHE B 67 9.01 -23.49 11.79
N THR B 68 9.71 -22.41 12.16
CA THR B 68 9.15 -21.49 13.15
C THR B 68 9.90 -20.17 13.09
N LEU B 69 9.36 -19.17 13.79
CA LEU B 69 9.97 -17.84 13.86
C LEU B 69 10.64 -17.70 15.22
N ASP B 70 11.96 -17.57 15.22
CA ASP B 70 12.70 -17.55 16.47
C ASP B 70 12.93 -16.10 16.91
N HIS B 71 13.78 -15.93 17.92
CA HIS B 71 14.11 -14.60 18.43
C HIS B 71 15.60 -14.45 18.66
N ASP B 72 16.44 -15.22 17.94
CA ASP B 72 17.90 -15.06 18.00
C ASP B 72 18.39 -15.25 19.42
N VAL B 73 17.90 -16.32 20.07
CA VAL B 73 18.15 -16.52 21.49
C VAL B 73 17.77 -17.95 21.87
N SER B 74 18.42 -18.48 22.91
CA SER B 74 18.03 -19.77 23.45
C SER B 74 17.59 -19.60 24.89
N THR B 75 16.84 -20.59 25.37
CA THR B 75 16.36 -20.66 26.73
C THR B 75 16.91 -21.90 27.41
N PRO B 76 17.53 -21.78 28.60
CA PRO B 76 17.72 -20.57 29.41
C PRO B 76 18.72 -19.58 28.81
N GLY B 77 18.59 -18.31 29.18
CA GLY B 77 19.50 -17.31 28.69
C GLY B 77 19.01 -15.92 29.02
N ALA B 78 19.93 -14.96 29.10
CA ALA B 78 19.57 -13.64 29.63
C ALA B 78 18.67 -12.86 28.69
N TYR B 79 18.77 -13.10 27.38
CA TYR B 79 18.04 -12.29 26.41
C TYR B 79 16.69 -12.87 25.99
N ASP B 80 16.23 -13.94 26.62
CA ASP B 80 15.05 -14.61 26.10
C ASP B 80 13.75 -13.97 26.55
N GLY B 81 13.81 -12.79 27.19
CA GLY B 81 12.59 -12.12 27.57
C GLY B 81 11.89 -11.39 26.44
N ILE B 82 12.49 -11.32 25.25
CA ILE B 82 11.85 -10.66 24.12
C ILE B 82 10.94 -11.58 23.34
N THR B 83 10.79 -12.83 23.77
CA THR B 83 10.14 -13.85 22.96
C THR B 83 8.61 -13.67 22.83
N TRP B 84 8.02 -12.69 23.49
CA TRP B 84 6.62 -12.33 23.26
C TRP B 84 6.42 -11.46 22.02
N GLU B 85 7.49 -10.88 21.47
CA GLU B 85 7.36 -9.85 20.44
C GLU B 85 6.86 -10.43 19.12
N ASP B 86 6.03 -9.64 18.43
CA ASP B 86 5.57 -10.04 17.10
C ASP B 86 6.63 -9.80 16.05
N ARG B 87 7.20 -8.59 16.02
CA ARG B 87 8.06 -8.15 14.93
C ARG B 87 9.29 -7.46 15.50
N SER B 88 10.46 -7.80 14.99
CA SER B 88 11.71 -7.19 15.43
C SER B 88 12.78 -7.52 14.42
N LYS B 89 13.94 -6.93 14.61
CA LYS B 89 15.11 -7.24 13.80
C LYS B 89 15.82 -8.52 14.25
N ARG B 90 15.30 -9.21 15.29
CA ARG B 90 15.88 -10.44 15.79
C ARG B 90 15.27 -11.68 15.16
N ARG B 91 13.99 -11.64 14.77
CA ARG B 91 13.31 -12.88 14.41
C ARG B 91 13.78 -13.39 13.06
N ARG B 92 13.79 -14.73 12.94
CA ARG B 92 14.19 -15.39 11.72
C ARG B 92 13.29 -16.59 11.48
N LEU B 93 13.05 -16.91 10.21
CA LEU B 93 12.48 -18.18 9.86
C LEU B 93 13.56 -19.24 9.94
N VAL B 94 13.37 -20.21 10.83
CA VAL B 94 14.33 -21.27 11.08
C VAL B 94 13.60 -22.60 10.95
N SER B 95 14.35 -23.69 10.87
CA SER B 95 13.70 -24.99 10.82
C SER B 95 14.59 -26.08 11.42
N PHE B 96 13.96 -27.22 11.66
CA PHE B 96 14.52 -28.40 12.28
C PHE B 96 13.99 -29.60 11.50
N PRO B 97 14.80 -30.62 11.22
CA PRO B 97 14.23 -31.86 10.70
C PRO B 97 13.12 -32.33 11.63
N LEU B 98 12.00 -32.77 11.06
CA LEU B 98 10.87 -33.14 11.89
C LEU B 98 11.22 -34.34 12.77
N GLY B 99 11.08 -34.19 14.08
CA GLY B 99 11.51 -35.21 15.03
C GLY B 99 12.77 -34.87 15.77
N SER B 100 13.55 -33.90 15.26
CA SER B 100 14.65 -33.36 16.05
C SER B 100 14.10 -32.40 17.09
N GLU B 101 14.63 -32.45 18.31
CA GLU B 101 14.11 -31.49 19.26
C GLU B 101 14.69 -30.11 18.98
N LEU B 102 14.00 -29.09 19.51
CA LEU B 102 14.23 -27.71 19.06
C LEU B 102 15.36 -27.12 19.90
N THR B 103 16.59 -27.47 19.54
CA THR B 103 17.80 -27.04 20.23
C THR B 103 18.67 -26.22 19.31
N LEU B 104 19.61 -25.49 19.91
CA LEU B 104 20.47 -24.58 19.14
C LEU B 104 21.26 -25.31 18.06
N ASP B 105 21.86 -26.48 18.39
CA ASP B 105 22.67 -27.15 17.37
C ASP B 105 21.84 -27.79 16.26
N ASN B 106 20.57 -28.12 16.51
CA ASN B 106 19.69 -28.69 15.49
C ASN B 106 19.06 -27.64 14.57
N MET B 107 19.16 -26.37 14.91
CA MET B 107 18.46 -25.30 14.19
C MET B 107 19.15 -24.98 12.87
N LYS B 108 18.35 -24.68 11.84
CA LYS B 108 18.86 -24.15 10.59
C LYS B 108 18.13 -22.84 10.29
N VAL B 109 18.91 -21.76 10.11
CA VAL B 109 18.38 -20.43 9.82
C VAL B 109 18.24 -20.28 8.31
N HIS B 110 17.06 -19.82 7.86
CA HIS B 110 16.83 -19.62 6.43
C HIS B 110 16.79 -18.15 6.03
N LEU B 111 15.96 -17.33 6.70
CA LEU B 111 15.75 -15.94 6.33
C LEU B 111 15.43 -15.13 7.58
N SER B 112 16.00 -13.92 7.68
CA SER B 112 15.53 -13.00 8.68
C SER B 112 14.11 -12.54 8.35
N GLY B 113 13.31 -12.28 9.37
CA GLY B 113 11.98 -11.73 9.17
C GLY B 113 11.02 -12.21 10.24
N TRP B 114 9.80 -11.66 10.19
CA TRP B 114 8.88 -11.80 11.31
C TRP B 114 7.50 -12.29 10.89
N SER B 115 7.35 -12.78 9.66
CA SER B 115 6.17 -13.51 9.21
C SER B 115 6.65 -14.45 8.11
N GLY B 116 6.22 -15.71 8.14
CA GLY B 116 6.90 -16.73 7.36
C GLY B 116 5.97 -17.73 6.68
N THR B 117 6.53 -18.37 5.66
CA THR B 117 5.94 -19.52 4.98
C THR B 117 7.06 -20.27 4.27
N ALA B 118 6.77 -21.50 3.85
CA ALA B 118 7.72 -22.30 3.10
C ALA B 118 6.98 -23.45 2.42
N CYS B 119 7.53 -23.92 1.30
CA CYS B 119 6.93 -25.05 0.60
C CYS B 119 7.90 -25.55 -0.46
N HIS B 120 7.88 -26.86 -0.66
CA HIS B 120 8.79 -27.56 -1.57
C HIS B 120 8.04 -27.91 -2.85
N ASP B 121 8.63 -27.59 -4.00
CA ASP B 121 7.93 -27.78 -5.26
C ASP B 121 8.26 -29.10 -5.94
N GLY B 122 8.99 -29.98 -5.26
CA GLY B 122 9.48 -31.22 -5.84
C GLY B 122 10.95 -31.19 -6.20
N LYS B 123 11.51 -30.00 -6.41
CA LYS B 123 12.93 -29.82 -6.69
C LYS B 123 13.66 -29.05 -5.60
N GLU B 124 13.11 -27.93 -5.14
CA GLU B 124 13.78 -27.12 -4.14
C GLU B 124 12.77 -26.51 -3.18
N TRP B 125 13.27 -26.12 -2.02
CA TRP B 125 12.49 -25.32 -1.08
C TRP B 125 12.32 -23.89 -1.55
N THR B 126 11.12 -23.37 -1.41
CA THR B 126 10.86 -21.93 -1.40
C THR B 126 10.63 -21.55 0.06
N TYR B 127 11.42 -20.61 0.56
CA TYR B 127 11.23 -20.02 1.87
C TYR B 127 10.88 -18.56 1.69
N ALA B 128 9.95 -18.04 2.49
CA ALA B 128 9.60 -16.64 2.36
C ALA B 128 9.34 -16.05 3.73
N THR B 129 9.87 -14.85 3.95
CA THR B 129 9.55 -14.06 5.12
C THR B 129 9.30 -12.63 4.70
N VAL B 130 8.59 -11.90 5.56
CA VAL B 130 8.48 -10.46 5.43
C VAL B 130 9.44 -9.83 6.43
N ASN B 131 10.19 -8.84 5.95
CA ASN B 131 11.21 -8.15 6.73
C ASN B 131 10.98 -6.66 6.55
N GLY B 132 11.38 -5.87 7.54
CA GLY B 132 11.40 -4.44 7.39
C GLY B 132 10.50 -3.75 8.39
N PRO B 133 10.39 -2.42 8.28
CA PRO B 133 9.50 -1.68 9.16
C PRO B 133 8.04 -1.85 8.76
N ASP B 134 7.17 -1.51 9.69
CA ASP B 134 5.74 -1.77 9.50
C ASP B 134 5.18 -1.09 8.24
N ASN B 135 5.64 0.12 7.92
CA ASN B 135 5.04 0.85 6.79
C ASN B 135 5.74 0.57 5.46
N SER B 136 6.83 -0.19 5.44
CA SER B 136 7.52 -0.45 4.19
C SER B 136 8.18 -1.82 4.27
N ALA B 137 7.36 -2.83 4.58
CA ALA B 137 7.85 -4.18 4.71
C ALA B 137 8.04 -4.81 3.33
N VAL B 138 8.91 -5.81 3.26
CA VAL B 138 9.27 -6.46 2.00
C VAL B 138 9.29 -7.97 2.24
N MET B 139 8.57 -8.72 1.43
CA MET B 139 8.71 -10.17 1.44
C MET B 139 9.88 -10.54 0.53
N ARG B 140 10.81 -11.34 1.05
CA ARG B 140 11.86 -11.93 0.22
C ARG B 140 11.62 -13.42 0.13
N LEU B 141 11.84 -13.98 -1.06
CA LEU B 141 11.60 -15.39 -1.31
C LEU B 141 12.90 -16.05 -1.73
N LYS B 142 13.30 -17.07 -0.98
CA LYS B 142 14.53 -17.79 -1.20
C LYS B 142 14.23 -19.14 -1.81
N TYR B 143 14.91 -19.46 -2.91
CA TYR B 143 14.70 -20.72 -3.64
C TYR B 143 16.03 -21.46 -3.59
N GLY B 144 16.05 -22.56 -2.85
CA GLY B 144 17.32 -23.19 -2.54
C GLY B 144 18.14 -22.25 -1.68
N ASP B 145 19.31 -21.85 -2.16
CA ASP B 145 20.20 -20.97 -1.42
C ASP B 145 20.15 -19.52 -1.86
N GLN B 146 19.37 -19.17 -2.90
CA GLN B 146 19.39 -17.84 -3.47
C GLN B 146 18.11 -17.08 -3.13
N ILE B 147 18.22 -15.77 -2.98
CA ILE B 147 17.01 -14.94 -2.87
C ILE B 147 16.58 -14.62 -4.29
N ARG B 148 15.49 -15.23 -4.73
CA ARG B 148 15.04 -15.10 -6.10
C ARG B 148 13.87 -14.15 -6.27
N GLY B 149 13.15 -13.85 -5.20
CA GLY B 149 11.94 -13.07 -5.30
C GLY B 149 11.89 -11.97 -4.25
N SER B 150 11.19 -10.90 -4.59
CA SER B 150 11.01 -9.79 -3.66
C SER B 150 9.66 -9.15 -3.97
N PHE B 151 8.87 -8.91 -2.92
CA PHE B 151 7.52 -8.40 -3.08
C PHE B 151 7.25 -7.32 -2.04
N PRO B 152 7.03 -6.07 -2.46
CA PRO B 152 6.88 -4.98 -1.50
C PRO B 152 5.44 -4.77 -1.02
N SER B 153 5.34 -4.12 0.13
CA SER B 153 4.06 -3.71 0.71
C SER B 153 3.21 -2.92 -0.30
N TYR B 154 1.91 -3.25 -0.35
CA TYR B 154 0.95 -2.58 -1.22
C TYR B 154 -0.12 -1.80 -0.46
N ALA B 155 -0.20 -1.93 0.87
CA ALA B 155 -1.17 -1.20 1.67
C ALA B 155 -0.53 -0.46 2.83
N ASN B 156 0.80 -0.38 2.87
CA ASN B 156 1.50 0.48 3.82
C ASN B 156 1.26 0.07 5.27
N ASN B 157 0.93 -1.21 5.52
CA ASN B 157 0.65 -1.57 6.91
C ASN B 157 0.86 -3.05 7.21
N ILE B 158 2.10 -3.41 7.49
CA ILE B 158 2.51 -4.74 7.93
C ILE B 158 2.11 -5.82 6.91
N LEU B 159 2.71 -5.77 5.73
CA LEU B 159 2.67 -6.91 4.84
C LEU B 159 3.01 -8.18 5.63
N ARG B 160 2.24 -9.25 5.40
CA ARG B 160 2.37 -10.41 6.27
C ARG B 160 1.79 -11.63 5.57
N THR B 161 2.18 -12.82 6.04
CA THR B 161 1.82 -14.03 5.30
C THR B 161 1.32 -15.12 6.26
N GLN B 162 1.38 -16.37 5.82
CA GLN B 162 0.48 -17.39 6.36
C GLN B 162 0.82 -17.91 7.76
N GLU B 163 2.11 -17.98 8.10
CA GLU B 163 2.59 -18.74 9.27
C GLU B 163 2.23 -20.23 9.16
N SER B 164 2.09 -20.71 7.93
CA SER B 164 2.06 -22.14 7.65
C SER B 164 2.49 -22.33 6.21
N GLU B 165 2.59 -23.58 5.77
CA GLU B 165 3.20 -23.86 4.49
C GLU B 165 2.37 -23.32 3.33
N CYS B 166 3.07 -22.93 2.27
CA CYS B 166 2.41 -22.62 1.01
C CYS B 166 2.19 -23.93 0.25
N VAL B 167 1.63 -23.84 -0.94
CA VAL B 167 1.25 -25.02 -1.72
C VAL B 167 1.87 -24.90 -3.12
N CYS B 168 2.57 -25.95 -3.54
CA CYS B 168 3.17 -25.97 -4.87
C CYS B 168 2.51 -27.03 -5.74
N ILE B 169 2.15 -26.64 -6.97
CA ILE B 169 1.56 -27.57 -7.92
C ILE B 169 2.21 -27.34 -9.28
N ASP B 170 2.83 -28.39 -9.84
CA ASP B 170 3.35 -28.36 -11.21
C ASP B 170 4.39 -27.26 -11.40
N GLY B 171 5.22 -27.03 -10.39
CA GLY B 171 6.33 -26.11 -10.53
C GLY B 171 6.05 -24.68 -10.11
N LYS B 172 4.81 -24.36 -9.77
CA LYS B 172 4.45 -23.04 -9.28
C LYS B 172 3.96 -23.17 -7.86
N CYS B 173 4.30 -22.20 -7.02
CA CYS B 173 3.84 -22.20 -5.64
C CYS B 173 2.91 -21.00 -5.40
N TYR B 174 2.00 -21.18 -4.44
CA TYR B 174 0.92 -20.25 -4.17
C TYR B 174 0.99 -19.84 -2.71
N ILE B 175 1.10 -18.54 -2.47
CA ILE B 175 1.32 -17.96 -1.14
C ILE B 175 0.23 -16.92 -0.93
N ILE B 176 -0.43 -16.94 0.22
CA ILE B 176 -1.40 -15.91 0.57
C ILE B 176 -0.69 -14.86 1.39
N VAL B 177 -0.83 -13.60 0.98
CA VAL B 177 -0.31 -12.47 1.74
C VAL B 177 -1.45 -11.50 1.97
N ILE B 178 -1.27 -10.62 2.94
CA ILE B 178 -2.24 -9.58 3.25
C ILE B 178 -1.47 -8.36 3.71
N ASP B 179 -2.11 -7.20 3.63
CA ASP B 179 -1.50 -5.92 3.93
C ASP B 179 -2.65 -4.99 4.25
N GLY B 180 -2.53 -4.22 5.32
CA GLY B 180 -3.61 -3.36 5.77
C GLY B 180 -3.87 -3.50 7.25
N PRO B 181 -4.81 -2.72 7.77
CA PRO B 181 -5.07 -2.72 9.22
C PRO B 181 -5.61 -4.06 9.70
N ALA B 182 -5.05 -4.54 10.80
CA ALA B 182 -5.51 -5.80 11.38
C ALA B 182 -6.89 -5.69 12.00
N GLY B 183 -7.38 -4.47 12.23
CA GLY B 183 -8.69 -4.28 12.81
C GLY B 183 -9.72 -3.77 11.83
N GLY B 184 -9.43 -3.88 10.54
CA GLY B 184 -10.35 -3.37 9.55
C GLY B 184 -10.27 -4.09 8.22
N THR B 185 -10.69 -3.41 7.16
CA THR B 185 -10.67 -3.99 5.83
C THR B 185 -9.23 -4.17 5.36
N ALA B 186 -8.86 -5.39 5.01
CA ALA B 186 -7.52 -5.68 4.53
C ALA B 186 -7.65 -6.79 3.50
N THR B 187 -7.19 -6.54 2.25
CA THR B 187 -7.55 -7.56 1.27
C THR B 187 -6.37 -8.49 1.00
N PRO B 188 -6.59 -9.80 1.10
CA PRO B 188 -5.52 -10.76 0.81
C PRO B 188 -5.31 -10.90 -0.69
N LYS B 189 -4.11 -11.37 -1.01
CA LYS B 189 -3.65 -11.55 -2.38
C LYS B 189 -2.97 -12.91 -2.48
N VAL B 190 -3.06 -13.54 -3.65
CA VAL B 190 -2.32 -14.78 -3.91
C VAL B 190 -1.09 -14.44 -4.74
N LEU B 191 0.09 -14.77 -4.23
CA LEU B 191 1.32 -14.67 -5.02
C LEU B 191 1.58 -16.00 -5.68
N VAL B 192 1.90 -15.97 -6.98
CA VAL B 192 2.26 -17.17 -7.73
C VAL B 192 3.76 -17.10 -8.00
N THR B 193 4.50 -18.10 -7.55
CA THR B 193 5.94 -18.07 -7.63
C THR B 193 6.46 -19.20 -8.51
N ARG B 194 7.62 -18.96 -9.13
CA ARG B 194 8.28 -19.94 -9.97
C ARG B 194 9.77 -19.82 -9.65
N GLU B 195 10.34 -20.85 -9.03
CA GLU B 195 11.71 -20.78 -8.53
C GLU B 195 11.89 -19.56 -7.64
N GLY B 196 10.89 -19.30 -6.80
CA GLY B 196 10.95 -18.21 -5.86
C GLY B 196 10.64 -16.83 -6.44
N GLU B 197 10.63 -16.69 -7.76
CA GLU B 197 10.29 -15.41 -8.38
C GLU B 197 8.78 -15.22 -8.42
N VAL B 198 8.30 -14.06 -8.00
CA VAL B 198 6.86 -13.78 -8.06
C VAL B 198 6.53 -13.48 -9.53
N THR B 199 5.82 -14.40 -10.18
CA THR B 199 5.52 -14.26 -11.59
C THR B 199 4.14 -13.68 -11.87
N SER B 200 3.22 -13.74 -10.91
CA SER B 200 1.94 -13.06 -11.05
C SER B 200 1.28 -13.00 -9.68
N GLU B 201 0.26 -12.14 -9.61
CA GLU B 201 -0.61 -12.01 -8.46
C GLU B 201 -2.03 -12.37 -8.89
N ILE B 202 -2.73 -13.13 -8.06
CA ILE B 202 -4.14 -13.43 -8.29
C ILE B 202 -4.97 -12.60 -7.32
N ILE B 203 -5.92 -11.84 -7.85
CA ILE B 203 -6.83 -11.03 -7.04
C ILE B 203 -7.90 -11.94 -6.43
N VAL B 204 -8.15 -11.78 -5.14
CA VAL B 204 -9.18 -12.55 -4.45
C VAL B 204 -10.49 -11.81 -4.60
N THR B 205 -11.44 -12.41 -5.32
CA THR B 205 -12.76 -11.80 -5.50
C THR B 205 -13.72 -12.29 -4.44
N GLY B 206 -14.97 -11.87 -4.54
CA GLY B 206 -16.00 -12.38 -3.63
C GLY B 206 -15.86 -11.75 -2.25
N ARG B 207 -15.97 -12.60 -1.22
CA ARG B 207 -15.89 -12.14 0.16
C ARG B 207 -14.41 -12.00 0.52
N ASN B 208 -13.90 -10.78 0.34
CA ASN B 208 -12.46 -10.57 0.31
C ASN B 208 -11.99 -9.44 1.23
N LYS B 209 -12.78 -9.07 2.24
CA LYS B 209 -12.43 -7.92 3.06
C LYS B 209 -11.52 -8.27 4.22
N MET B 210 -11.14 -9.54 4.36
CA MET B 210 -10.22 -9.97 5.41
C MET B 210 -9.69 -11.35 5.04
N GLY B 211 -8.62 -11.77 5.71
CA GLY B 211 -8.11 -13.11 5.49
C GLY B 211 -6.68 -13.26 5.97
N GLU B 212 -6.51 -13.32 7.28
CA GLU B 212 -5.19 -13.45 7.89
C GLU B 212 -4.77 -14.90 7.99
N GLU B 213 -3.45 -15.12 7.96
CA GLU B 213 -2.83 -16.37 8.44
C GLU B 213 -3.51 -17.62 7.89
N CYS B 214 -3.61 -17.69 6.56
CA CYS B 214 -4.38 -18.78 5.96
C CYS B 214 -3.62 -20.10 6.06
N SER B 215 -4.38 -21.16 6.33
CA SER B 215 -3.89 -22.54 6.24
C SER B 215 -4.45 -23.14 4.95
N CYS B 216 -3.58 -23.58 4.05
CA CYS B 216 -3.97 -23.96 2.70
C CYS B 216 -3.61 -25.40 2.39
N LEU B 217 -4.53 -26.11 1.72
CA LEU B 217 -4.33 -27.47 1.25
C LEU B 217 -4.93 -27.60 -0.14
N ALA B 218 -4.31 -28.42 -0.98
CA ALA B 218 -4.95 -28.77 -2.24
C ALA B 218 -6.19 -29.61 -1.96
N THR B 219 -7.28 -29.28 -2.66
CA THR B 219 -8.52 -30.05 -2.56
C THR B 219 -8.69 -31.06 -3.68
N ASN B 220 -7.89 -30.97 -4.73
CA ASN B 220 -7.79 -31.99 -5.77
C ASN B 220 -6.58 -31.66 -6.61
N ARG B 221 -6.54 -32.18 -7.84
CA ARG B 221 -5.34 -32.06 -8.67
C ARG B 221 -4.97 -30.61 -9.00
N THR B 222 -5.95 -29.70 -9.04
CA THR B 222 -5.67 -28.35 -9.55
C THR B 222 -6.19 -27.21 -8.69
N TRP B 223 -6.88 -27.49 -7.59
CA TRP B 223 -7.48 -26.44 -6.76
C TRP B 223 -6.92 -26.48 -5.34
N ILE B 224 -6.89 -25.31 -4.72
CA ILE B 224 -6.40 -25.11 -3.37
C ILE B 224 -7.52 -24.48 -2.56
N GLU B 225 -7.63 -24.86 -1.29
CA GLU B 225 -8.57 -24.23 -0.36
C GLU B 225 -7.82 -23.77 0.88
N CYS B 226 -8.07 -22.53 1.28
CA CYS B 226 -7.41 -21.89 2.42
C CYS B 226 -8.43 -21.52 3.48
N LEU B 227 -8.12 -21.84 4.73
CA LEU B 227 -8.94 -21.50 5.88
C LEU B 227 -8.24 -20.41 6.67
N CYS B 228 -8.87 -19.24 6.80
CA CYS B 228 -8.17 -18.07 7.28
C CYS B 228 -8.81 -17.53 8.56
N ARG B 229 -8.33 -16.36 8.98
CA ARG B 229 -8.76 -15.67 10.18
C ARG B 229 -9.26 -14.28 9.79
N ASP B 230 -10.51 -13.99 10.13
CA ASP B 230 -11.03 -12.63 9.97
C ASP B 230 -10.80 -11.92 11.30
N ASN B 231 -9.83 -11.02 11.33
CA ASN B 231 -9.48 -10.40 12.60
C ASN B 231 -10.38 -9.23 12.96
N ALA B 232 -11.36 -8.92 12.14
CA ALA B 232 -12.13 -7.71 12.36
C ALA B 232 -13.63 -7.90 12.40
N PHE B 233 -14.18 -8.76 11.53
CA PHE B 233 -15.61 -8.69 11.22
C PHE B 233 -16.44 -9.89 11.66
N SER B 234 -15.85 -11.08 11.80
CA SER B 234 -16.67 -12.27 11.98
C SER B 234 -15.91 -13.38 12.71
N ALA B 235 -16.65 -14.13 13.54
CA ALA B 235 -16.15 -15.37 14.13
C ALA B 235 -16.21 -16.54 13.18
N LYS B 236 -16.90 -16.40 12.05
CA LYS B 236 -16.77 -17.36 10.97
C LYS B 236 -15.42 -17.17 10.29
N ARG B 237 -14.81 -18.28 9.87
CA ARG B 237 -13.51 -18.16 9.22
C ARG B 237 -13.68 -17.93 7.72
N PRO B 238 -12.94 -17.00 7.13
CA PRO B 238 -12.92 -16.88 5.67
C PRO B 238 -12.31 -18.13 5.04
N ILE B 239 -12.83 -18.49 3.88
CA ILE B 239 -12.29 -19.58 3.07
C ILE B 239 -11.95 -19.01 1.70
N ILE B 240 -10.74 -19.26 1.23
CA ILE B 240 -10.30 -18.80 -0.08
C ILE B 240 -10.03 -20.03 -0.94
N ARG B 241 -10.62 -20.07 -2.13
CA ARG B 241 -10.39 -21.15 -3.07
C ARG B 241 -9.66 -20.64 -4.30
N ILE B 242 -8.62 -21.37 -4.71
CA ILE B 242 -7.76 -20.98 -5.83
C ILE B 242 -7.88 -22.02 -6.93
N ASP B 243 -8.18 -21.57 -8.14
CA ASP B 243 -8.15 -22.41 -9.33
C ASP B 243 -6.79 -22.15 -9.98
N THR B 244 -5.84 -23.08 -9.83
CA THR B 244 -4.50 -22.81 -10.33
C THR B 244 -4.42 -22.87 -11.85
N VAL B 245 -5.37 -23.53 -12.51
CA VAL B 245 -5.37 -23.59 -13.96
C VAL B 245 -5.92 -22.29 -14.54
N ALA B 246 -7.08 -21.85 -14.04
CA ALA B 246 -7.67 -20.58 -14.46
C ALA B 246 -6.90 -19.38 -13.92
N GLY B 247 -6.16 -19.54 -12.82
CA GLY B 247 -5.52 -18.41 -12.19
C GLY B 247 -6.51 -17.44 -11.58
N THR B 248 -7.49 -17.98 -10.85
CA THR B 248 -8.50 -17.19 -10.17
C THR B 248 -8.57 -17.62 -8.71
N ALA B 249 -9.04 -16.70 -7.86
CA ALA B 249 -9.26 -17.00 -6.45
C ALA B 249 -10.50 -16.25 -5.97
N ARG B 250 -11.28 -16.90 -5.11
CA ARG B 250 -12.52 -16.32 -4.61
C ARG B 250 -12.64 -16.56 -3.12
N GLY B 251 -13.09 -15.53 -2.40
CA GLY B 251 -13.30 -15.60 -0.98
C GLY B 251 -14.74 -15.91 -0.59
N TYR B 252 -14.88 -16.66 0.51
CA TYR B 252 -16.16 -17.05 1.08
C TYR B 252 -16.09 -16.89 2.58
N LEU B 253 -17.24 -16.96 3.25
CA LEU B 253 -17.27 -17.13 4.70
C LEU B 253 -17.71 -18.56 4.98
N MET B 254 -16.97 -19.24 5.84
CA MET B 254 -17.39 -20.58 6.26
C MET B 254 -18.77 -20.50 6.88
N CYS B 255 -19.68 -21.34 6.37
CA CYS B 255 -21.10 -21.21 6.65
C CYS B 255 -21.57 -22.01 7.86
N SER B 256 -20.77 -22.96 8.34
CA SER B 256 -21.26 -23.88 9.37
C SER B 256 -21.64 -23.14 10.66
N ASP B 257 -22.70 -23.62 11.30
CA ASP B 257 -23.04 -23.13 12.63
C ASP B 257 -21.93 -23.31 13.65
N THR B 258 -21.00 -24.24 13.41
CA THR B 258 -19.89 -24.52 14.32
C THR B 258 -18.76 -23.54 14.00
N TYR B 259 -18.88 -22.32 14.55
CA TYR B 259 -17.92 -21.27 14.20
C TYR B 259 -16.54 -21.62 14.73
N LEU B 260 -15.51 -21.42 13.91
CA LEU B 260 -14.20 -21.97 14.27
C LEU B 260 -13.23 -20.96 14.88
N ASP B 261 -13.52 -19.67 14.84
CA ASP B 261 -12.57 -18.70 15.39
C ASP B 261 -12.75 -18.56 16.90
N THR B 262 -11.82 -17.85 17.53
CA THR B 262 -11.84 -17.54 18.95
C THR B 262 -11.41 -16.08 19.12
N PRO B 263 -12.23 -15.22 19.75
CA PRO B 263 -13.52 -15.46 20.40
C PRO B 263 -14.65 -15.70 19.40
N ARG B 264 -15.78 -16.22 19.86
CA ARG B 264 -16.89 -16.53 18.99
C ARG B 264 -18.15 -16.53 19.83
N PRO B 265 -19.30 -16.26 19.23
CA PRO B 265 -20.58 -16.41 19.94
C PRO B 265 -20.98 -17.87 19.95
N ALA B 266 -22.15 -18.16 20.51
CA ALA B 266 -22.64 -19.52 20.57
C ALA B 266 -22.91 -20.06 19.17
N ASP B 267 -22.73 -21.38 19.02
CA ASP B 267 -22.93 -22.01 17.72
C ASP B 267 -24.33 -21.74 17.18
N GLY B 268 -24.39 -21.40 15.90
CA GLY B 268 -25.65 -21.13 15.22
C GLY B 268 -26.29 -19.79 15.49
N SER B 269 -25.73 -18.97 16.37
CA SER B 269 -26.39 -17.73 16.77
C SER B 269 -26.23 -16.59 15.77
N ILE B 270 -25.37 -16.70 14.75
CA ILE B 270 -25.29 -15.66 13.73
C ILE B 270 -26.45 -15.88 12.76
N THR B 271 -27.39 -14.95 12.74
CA THR B 271 -28.64 -15.09 12.01
C THR B 271 -28.52 -14.50 10.61
N GLY B 272 -28.82 -15.32 9.59
CA GLY B 272 -28.85 -14.87 8.22
C GLY B 272 -28.11 -15.82 7.31
N SER B 273 -27.85 -15.37 6.09
CA SER B 273 -27.19 -16.20 5.08
C SER B 273 -25.72 -16.45 5.46
N CYS B 274 -25.08 -17.31 4.67
CA CYS B 274 -23.71 -17.73 4.93
C CYS B 274 -22.77 -16.53 5.08
N GLU B 275 -22.97 -15.50 4.27
CA GLU B 275 -22.04 -14.38 4.24
C GLU B 275 -22.30 -13.36 5.33
N THR B 276 -23.23 -13.62 6.24
CA THR B 276 -23.50 -12.69 7.34
C THR B 276 -22.38 -12.74 8.36
N ASP B 277 -21.84 -11.56 8.71
CA ASP B 277 -20.70 -11.52 9.61
C ASP B 277 -21.09 -11.91 11.02
N GLY B 278 -22.22 -11.41 11.51
CA GLY B 278 -22.51 -11.52 12.92
C GLY B 278 -22.10 -10.26 13.67
N THR B 279 -22.64 -10.12 14.87
CA THR B 279 -22.52 -8.85 15.59
C THR B 279 -21.10 -8.64 16.10
N SER B 280 -20.47 -9.70 16.59
CA SER B 280 -19.13 -9.60 17.16
C SER B 280 -18.08 -9.70 16.06
N GLY B 281 -16.98 -10.39 16.31
CA GLY B 281 -16.01 -10.72 15.28
C GLY B 281 -14.61 -10.16 15.49
N GLY B 282 -14.43 -9.20 16.40
CA GLY B 282 -13.11 -8.62 16.61
C GLY B 282 -12.14 -9.62 17.22
N GLY B 283 -10.90 -9.57 16.77
CA GLY B 283 -9.91 -10.52 17.21
C GLY B 283 -10.02 -11.83 16.44
N GLY B 284 -9.22 -12.80 16.85
CA GLY B 284 -9.22 -14.09 16.20
C GLY B 284 -7.94 -14.83 16.50
N VAL B 285 -7.81 -16.01 15.87
CA VAL B 285 -6.62 -16.85 16.01
C VAL B 285 -6.45 -17.64 14.71
N LYS B 286 -5.20 -17.92 14.33
CA LYS B 286 -4.98 -18.78 13.16
C LYS B 286 -5.60 -20.15 13.39
N GLY B 287 -6.30 -20.65 12.36
CA GLY B 287 -6.93 -21.95 12.41
C GLY B 287 -6.41 -22.87 11.32
N ALA B 288 -6.91 -24.10 11.34
CA ALA B 288 -6.38 -25.14 10.47
C ALA B 288 -7.46 -26.16 10.13
N PHE B 289 -7.21 -26.90 9.05
CA PHE B 289 -8.05 -28.03 8.68
C PHE B 289 -7.19 -29.10 8.03
N ALA B 290 -7.77 -30.29 7.90
CA ALA B 290 -7.18 -31.36 7.10
C ALA B 290 -8.29 -31.94 6.25
N LEU B 291 -7.98 -32.88 5.35
CA LEU B 291 -8.99 -33.35 4.42
C LEU B 291 -8.63 -34.73 3.89
N SER B 292 -9.62 -35.35 3.26
CA SER B 292 -9.46 -36.51 2.40
C SER B 292 -9.89 -36.11 1.00
N ARG B 293 -9.17 -36.58 -0.01
CA ARG B 293 -9.52 -36.18 -1.37
C ARG B 293 -9.14 -37.28 -2.36
N THR B 294 -9.81 -37.28 -3.50
CA THR B 294 -9.38 -38.04 -4.66
C THR B 294 -8.61 -37.10 -5.57
N THR B 295 -8.31 -37.54 -6.80
CA THR B 295 -7.73 -36.60 -7.76
C THR B 295 -8.75 -35.56 -8.22
N GLU B 296 -10.05 -35.85 -8.08
CA GLU B 296 -11.15 -35.00 -8.55
C GLU B 296 -11.75 -34.11 -7.49
N ALA B 297 -11.85 -34.57 -6.24
CA ALA B 297 -12.68 -33.87 -5.28
C ALA B 297 -12.26 -34.22 -3.85
N THR B 298 -12.48 -33.27 -2.95
CA THR B 298 -12.34 -33.49 -1.53
C THR B 298 -13.60 -34.18 -1.01
N THR B 299 -13.42 -35.24 -0.23
CA THR B 299 -14.52 -36.07 0.22
C THR B 299 -14.85 -35.91 1.71
N GLU B 300 -13.93 -35.38 2.51
CA GLU B 300 -14.18 -35.13 3.91
C GLU B 300 -13.21 -34.06 4.37
N ARG B 301 -13.65 -33.22 5.29
CA ARG B 301 -12.81 -32.19 5.88
C ARG B 301 -12.80 -32.36 7.39
N PHE B 302 -11.67 -32.03 8.00
CA PHE B 302 -11.46 -32.15 9.43
C PHE B 302 -11.04 -30.79 9.95
N TYR B 303 -11.64 -30.34 11.05
CA TYR B 303 -11.42 -28.98 11.53
C TYR B 303 -11.04 -28.99 12.99
N VAL B 304 -10.42 -27.90 13.43
CA VAL B 304 -10.11 -27.72 14.84
C VAL B 304 -10.62 -26.36 15.28
N ARG B 305 -10.98 -26.26 16.56
CA ARG B 305 -11.19 -24.97 17.21
C ARG B 305 -10.89 -25.15 18.71
N THR B 306 -10.82 -24.03 19.42
CA THR B 306 -10.53 -24.09 20.86
C THR B 306 -11.71 -24.68 21.63
N VAL B 307 -11.43 -25.19 22.84
CA VAL B 307 -12.50 -25.56 23.75
C VAL B 307 -13.27 -24.32 24.18
N SER B 308 -12.55 -23.28 24.60
CA SER B 308 -13.19 -22.07 25.10
C SER B 308 -13.67 -21.21 23.93
N SER B 309 -14.84 -20.60 24.09
CA SER B 309 -15.34 -19.67 23.09
C SER B 309 -14.77 -18.27 23.26
N SER B 310 -14.04 -18.00 24.34
CA SER B 310 -13.48 -16.67 24.58
C SER B 310 -11.95 -16.65 24.68
N ALA B 311 -11.33 -17.75 25.09
CA ALA B 311 -9.90 -17.75 25.34
C ALA B 311 -9.22 -18.80 24.48
N ARG B 312 -7.92 -18.60 24.24
CA ARG B 312 -7.15 -19.56 23.45
C ARG B 312 -6.75 -20.72 24.37
N SER B 313 -7.72 -21.61 24.61
CA SER B 313 -7.46 -22.77 25.44
C SER B 313 -8.22 -23.99 24.94
N GLY B 314 -7.53 -25.11 24.93
CA GLY B 314 -8.07 -26.36 24.44
C GLY B 314 -8.11 -26.44 22.92
N ALA B 315 -8.35 -27.66 22.45
CA ALA B 315 -8.48 -27.94 21.02
C ALA B 315 -9.45 -29.09 20.84
N VAL B 316 -10.44 -28.88 19.99
CA VAL B 316 -11.48 -29.88 19.71
C VAL B 316 -11.50 -30.12 18.21
N PHE B 317 -11.55 -31.38 17.81
CA PHE B 317 -11.60 -31.75 16.41
C PHE B 317 -13.03 -32.05 15.98
N TYR B 318 -13.33 -31.71 14.72
CA TYR B 318 -14.64 -31.88 14.08
C TYR B 318 -14.41 -32.39 12.65
N LYS B 319 -15.49 -32.84 12.01
CA LYS B 319 -15.39 -33.30 10.63
C LYS B 319 -16.70 -33.02 9.91
N THR B 320 -16.63 -32.96 8.57
CA THR B 320 -17.84 -32.82 7.79
C THR B 320 -17.59 -33.31 6.37
N THR B 321 -18.65 -33.81 5.74
CA THR B 321 -18.65 -34.09 4.31
C THR B 321 -19.41 -33.03 3.51
N ASP B 322 -19.91 -31.99 4.17
CA ASP B 322 -20.59 -30.89 3.49
C ASP B 322 -19.57 -29.95 2.87
N ASP B 323 -20.03 -29.18 1.89
CA ASP B 323 -19.24 -28.08 1.35
C ASP B 323 -19.25 -26.93 2.34
N PRO B 324 -18.10 -26.54 2.91
CA PRO B 324 -18.10 -25.56 4.00
C PRO B 324 -18.46 -24.14 3.58
N THR B 325 -18.51 -23.84 2.28
CA THR B 325 -18.93 -22.51 1.83
C THR B 325 -20.43 -22.41 1.63
N GLU B 326 -21.15 -23.52 1.70
CA GLU B 326 -22.58 -23.50 1.37
C GLU B 326 -23.49 -24.02 2.47
N SER B 327 -23.01 -24.87 3.36
CA SER B 327 -23.87 -25.54 4.32
C SER B 327 -23.74 -24.92 5.71
N ASN B 328 -24.87 -24.61 6.34
CA ASN B 328 -24.82 -24.15 7.72
C ASN B 328 -24.91 -25.29 8.71
N ASN B 329 -24.89 -26.55 8.25
CA ASN B 329 -24.98 -27.67 9.16
C ASN B 329 -23.83 -27.64 10.16
N PRO B 330 -24.10 -27.95 11.44
CA PRO B 330 -23.03 -28.09 12.42
C PRO B 330 -22.06 -29.19 11.99
N LEU B 331 -20.79 -29.01 12.36
CA LEU B 331 -19.81 -30.04 12.14
C LEU B 331 -19.99 -31.18 13.14
N THR B 332 -19.45 -32.35 12.79
CA THR B 332 -19.55 -33.55 13.61
C THR B 332 -18.38 -33.63 14.57
N LEU B 333 -18.67 -33.75 15.86
CA LEU B 333 -17.63 -33.81 16.87
C LEU B 333 -16.76 -35.07 16.71
N ILE B 334 -15.45 -34.88 16.71
CA ILE B 334 -14.49 -35.98 16.79
C ILE B 334 -14.03 -36.20 18.24
N GLY B 335 -13.63 -35.13 18.90
CA GLY B 335 -13.31 -35.20 20.31
C GLY B 335 -12.27 -34.16 20.68
N THR B 336 -11.93 -34.16 21.96
CA THR B 336 -11.02 -33.16 22.52
C THR B 336 -9.57 -33.63 22.35
N ALA B 337 -8.81 -32.87 21.56
CA ALA B 337 -7.39 -33.16 21.35
C ALA B 337 -6.50 -32.54 22.41
N VAL B 338 -6.94 -31.42 23.00
CA VAL B 338 -6.21 -30.75 24.07
C VAL B 338 -7.24 -30.26 25.08
N GLY B 339 -7.10 -30.66 26.35
CA GLY B 339 -8.09 -30.27 27.34
C GLY B 339 -8.21 -28.76 27.48
N GLY B 340 -9.39 -28.31 27.91
CA GLY B 340 -9.71 -26.89 27.98
C GLY B 340 -8.89 -26.12 28.98
N ALA B 341 -8.23 -26.80 29.91
CA ALA B 341 -7.36 -26.13 30.87
C ALA B 341 -5.98 -25.81 30.31
N ILE B 342 -5.68 -26.21 29.07
CA ILE B 342 -4.33 -26.12 28.53
C ILE B 342 -4.32 -25.07 27.42
N PRO B 343 -3.46 -24.05 27.51
CA PRO B 343 -3.38 -23.05 26.45
C PRO B 343 -3.14 -23.70 25.10
N MET B 344 -3.85 -23.21 24.09
CA MET B 344 -3.73 -23.70 22.73
C MET B 344 -3.93 -22.51 21.82
N TRP B 345 -2.90 -22.17 21.04
CA TRP B 345 -2.89 -20.93 20.29
C TRP B 345 -3.11 -21.21 18.80
N TYR B 346 -2.08 -21.12 17.98
CA TYR B 346 -2.26 -21.35 16.55
C TYR B 346 -2.41 -22.83 16.24
N SER B 347 -3.10 -23.13 15.16
CA SER B 347 -3.04 -24.44 14.53
C SER B 347 -2.67 -24.24 13.08
N PHE B 348 -2.13 -25.28 12.46
CA PHE B 348 -1.66 -25.16 11.09
C PHE B 348 -1.92 -26.44 10.31
N SER B 349 -2.30 -26.28 9.04
CA SER B 349 -2.44 -27.39 8.11
C SER B 349 -1.09 -27.73 7.49
N PHE B 350 -0.85 -29.02 7.23
CA PHE B 350 0.26 -29.38 6.34
C PHE B 350 -0.03 -30.72 5.68
N GLU B 351 0.74 -31.00 4.62
CA GLU B 351 0.61 -32.22 3.85
C GLU B 351 1.94 -32.97 3.78
N ILE B 352 1.88 -34.28 3.95
CA ILE B 352 3.04 -35.15 3.79
C ILE B 352 2.91 -35.84 2.43
N PRO B 353 3.76 -35.56 1.46
CA PRO B 353 3.64 -36.22 0.17
C PRO B 353 4.20 -37.64 0.25
N GLY B 354 3.61 -38.52 -0.56
CA GLY B 354 4.01 -39.91 -0.55
C GLY B 354 4.19 -40.44 -1.96
N LYS B 355 4.82 -41.60 -2.04
CA LYS B 355 5.00 -42.27 -3.32
C LYS B 355 3.67 -42.79 -3.87
N VAL B 356 2.79 -43.26 -3.00
CA VAL B 356 1.52 -43.82 -3.42
C VAL B 356 0.35 -42.92 -3.09
N CYS B 357 0.38 -42.24 -1.94
CA CYS B 357 -0.72 -41.38 -1.54
C CYS B 357 -0.17 -40.25 -0.68
N ASP B 358 -0.92 -39.15 -0.61
CA ASP B 358 -0.58 -38.01 0.23
C ASP B 358 -1.37 -38.07 1.53
N GLN B 359 -0.88 -37.35 2.54
CA GLN B 359 -1.57 -37.35 3.83
C GLN B 359 -1.61 -35.94 4.41
N THR B 360 -2.79 -35.49 4.84
CA THR B 360 -2.87 -34.18 5.47
C THR B 360 -2.95 -34.31 6.98
N CYS B 361 -2.50 -33.25 7.66
CA CYS B 361 -2.36 -33.24 9.11
C CYS B 361 -2.68 -31.87 9.67
N ILE B 362 -2.94 -31.81 10.97
CA ILE B 362 -3.08 -30.57 11.71
C ILE B 362 -2.04 -30.56 12.82
N GLY B 363 -1.32 -29.43 12.95
CA GLY B 363 -0.41 -29.21 14.06
C GLY B 363 -1.00 -28.21 15.03
N LEU B 364 -0.65 -28.35 16.31
CA LEU B 364 -1.22 -27.53 17.38
C LEU B 364 -0.11 -26.83 18.13
N GLU B 365 -0.18 -25.49 18.20
CA GLU B 365 0.78 -24.70 18.97
C GLU B 365 0.28 -24.62 20.41
N MET B 366 0.79 -25.53 21.24
CA MET B 366 0.38 -25.56 22.66
C MET B 366 1.22 -24.52 23.40
N GLY B 367 0.60 -23.39 23.73
CA GLY B 367 1.36 -22.22 24.13
C GLY B 367 1.91 -22.31 25.55
N LEU B 368 3.10 -21.76 25.74
CA LEU B 368 3.77 -21.72 27.03
C LEU B 368 4.20 -20.28 27.27
N THR B 369 3.74 -19.66 28.35
CA THR B 369 4.22 -18.31 28.61
C THR B 369 4.16 -17.99 30.09
N MET B 370 5.09 -17.11 30.50
CA MET B 370 5.12 -16.58 31.85
C MET B 370 4.20 -15.38 32.05
N GLY B 371 3.58 -14.87 30.98
CA GLY B 371 2.57 -13.82 31.05
C GLY B 371 2.80 -12.73 30.03
N HIS B 372 2.08 -11.62 30.22
CA HIS B 372 2.11 -10.50 29.28
C HIS B 372 3.50 -9.88 29.19
N GLN B 373 4.04 -9.81 27.97
CA GLN B 373 5.38 -9.27 27.70
C GLN B 373 6.45 -9.97 28.53
N LEU B 374 6.26 -11.26 28.75
CA LEU B 374 7.27 -12.13 29.34
C LEU B 374 7.53 -13.29 28.39
N TRP B 375 8.49 -14.14 28.79
CA TRP B 375 8.92 -15.29 28.00
C TRP B 375 7.73 -16.07 27.43
N THR B 376 7.84 -16.44 26.16
CA THR B 376 6.76 -17.05 25.40
C THR B 376 7.32 -18.07 24.43
N SER B 377 6.74 -19.27 24.42
CA SER B 377 7.07 -20.26 23.40
C SER B 377 5.95 -21.29 23.34
N ASN B 378 6.29 -22.54 22.98
CA ASN B 378 5.24 -23.53 22.74
C ASN B 378 5.80 -24.95 22.77
N SER B 379 4.86 -25.90 22.75
CA SER B 379 5.06 -27.27 22.34
C SER B 379 4.16 -27.53 21.14
N VAL B 380 4.61 -28.36 20.21
CA VAL B 380 3.85 -28.65 18.98
C VAL B 380 3.40 -30.10 19.01
N ALA B 381 2.10 -30.33 18.89
CA ALA B 381 1.53 -31.66 18.76
C ALA B 381 0.97 -31.81 17.35
N VAL B 382 1.14 -33.00 16.77
CA VAL B 382 0.79 -33.28 15.38
C VAL B 382 -0.24 -34.41 15.33
N TYR B 383 -1.34 -34.18 14.62
CA TYR B 383 -2.37 -35.18 14.35
C TYR B 383 -2.57 -35.31 12.84
N CYS B 384 -2.73 -36.53 12.34
CA CYS B 384 -2.89 -36.74 10.90
C CYS B 384 -4.14 -37.57 10.61
N VAL B 385 -4.58 -37.50 9.35
CA VAL B 385 -5.80 -38.17 8.90
C VAL B 385 -5.50 -39.65 8.71
N ILE B 386 -6.07 -40.48 9.57
CA ILE B 386 -5.85 -41.92 9.62
C ILE B 386 -6.84 -42.48 10.62
N GLY B 387 -7.22 -43.75 10.43
CA GLY B 387 -8.04 -44.42 11.42
C GLY B 387 -9.50 -43.98 11.40
N ASP B 388 -10.18 -44.32 12.49
CA ASP B 388 -11.62 -44.10 12.61
C ASP B 388 -12.04 -43.30 13.82
N ASN B 389 -11.17 -43.11 14.82
CA ASN B 389 -11.47 -42.34 16.01
C ASN B 389 -10.23 -41.64 16.52
N LEU B 390 -10.45 -40.56 17.25
CA LEU B 390 -9.35 -39.90 17.95
C LEU B 390 -8.74 -40.84 18.97
N ASP B 391 -7.40 -40.93 18.98
CA ASP B 391 -6.74 -41.89 19.87
C ASP B 391 -6.50 -41.32 21.26
N TRP B 392 -5.98 -40.09 21.36
CA TRP B 392 -5.66 -39.52 22.67
C TRP B 392 -5.49 -38.02 22.55
N ASP B 393 -5.69 -37.34 23.67
CA ASP B 393 -5.39 -35.92 23.80
C ASP B 393 -3.92 -35.73 24.19
N SER B 394 -3.47 -34.49 24.01
CA SER B 394 -2.08 -34.11 24.29
C SER B 394 -2.01 -33.14 25.46
N THR B 395 -0.92 -33.23 26.21
CA THR B 395 -0.61 -32.32 27.29
C THR B 395 0.81 -31.83 27.08
N THR B 396 1.23 -30.81 27.83
CA THR B 396 2.64 -30.43 27.80
C THR B 396 3.42 -30.85 29.03
N ASP B 397 2.78 -30.85 30.20
CA ASP B 397 3.47 -31.04 31.48
C ASP B 397 4.68 -30.12 31.61
N VAL B 398 4.59 -28.92 31.03
CA VAL B 398 5.56 -27.86 31.24
C VAL B 398 4.87 -26.77 32.03
N VAL B 399 5.43 -26.40 33.16
CA VAL B 399 4.95 -25.26 33.94
C VAL B 399 5.92 -24.11 33.69
N PRO B 400 5.50 -23.03 33.01
CA PRO B 400 6.44 -21.94 32.70
C PRO B 400 7.19 -21.40 33.88
N ALA B 401 6.60 -21.42 35.09
CA ALA B 401 7.33 -21.01 36.28
C ALA B 401 8.60 -21.83 36.51
N ASP B 402 8.61 -23.08 36.06
CA ASP B 402 9.78 -23.95 36.21
C ASP B 402 10.91 -23.65 35.23
N ILE B 403 10.65 -22.86 34.18
CA ILE B 403 11.69 -22.57 33.19
C ILE B 403 12.70 -21.60 33.78
N VAL B 404 13.99 -21.92 33.68
CA VAL B 404 15.03 -21.10 34.30
C VAL B 404 15.66 -20.13 33.30
#